data_7A4R
#
_entry.id   7A4R
#
_cell.length_a   58.619
_cell.length_b   85.484
_cell.length_c   152.361
_cell.angle_alpha   90.000
_cell.angle_beta   90.000
_cell.angle_gamma   90.000
#
_symmetry.space_group_name_H-M   'P 21 21 21'
#
loop_
_entity.id
_entity.type
_entity.pdbx_description
1 polymer 'Dual specificity tyrosine-phosphorylation-regulated kinase 1A'
2 non-polymer 2-amino-3H,4H,7H-pyrrolo[2,3-d]pyrimidin-4-one
3 non-polymer 'DIMETHYL SULFOXIDE'
4 water water
#
_entity_poly.entity_id   1
_entity_poly.type   'polypeptide(L)'
_entity_poly.pdbx_seq_one_letter_code
;MGSSHHHHHHSSGLVPRG(SEP)HMIVKNGEKWMDRYEIDSLIGKGSFGQVVKAYDRVEQEWVAIKIIKNKKAFLNQAQI
EVRLLELMNKHDTEMKYYIVHLKRHFMFRNHLCLVFEMLSYNLYDLLRNTNFRGVSLNLTRKFAQQMCTALLFLATPELS
IIHCDLKPENILLCNPKRSAIKIVDFGSSCQLGQRIYQ(PTR)IQSRFYRSPEVLLGMPYDLAIDMWSLGCILVEMHTGE
PLFSGANEVDQMNKIVEVLGIPPAHILDQAPKARKFFEKLPDGTWNLKKTKDGKREYKPPGTRKLHNILGVETGGPGGRR
AGESGHTVADYLKFKDLILRMLDYDPKTRIQPYYALQHSFFAA
;
_entity_poly.pdbx_strand_id   A,B
#
loop_
_chem_comp.id
_chem_comp.type
_chem_comp.name
_chem_comp.formula
DMS non-polymer 'DIMETHYL SULFOXIDE' 'C2 H6 O S'
QY8 non-polymer 2-amino-3H,4H,7H-pyrrolo[2,3-d]pyrimidin-4-one 'C6 H6 N4 O'
#
# COMPACT_ATOMS: atom_id res chain seq x y z
N VAL A 15 14.04 2.02 -18.39
CA VAL A 15 13.07 2.38 -17.32
C VAL A 15 12.99 1.21 -16.35
N PRO A 16 13.22 1.41 -15.03
CA PRO A 16 13.17 0.32 -14.05
C PRO A 16 11.78 -0.31 -13.92
N ARG A 17 11.73 -1.59 -13.57
CA ARG A 17 10.49 -2.39 -13.47
C ARG A 17 9.88 -2.18 -12.10
N GLY A 18 10.74 -2.08 -11.09
CA GLY A 18 10.28 -1.88 -9.71
C GLY A 18 10.01 -0.39 -9.47
N SEP A 19 9.28 -0.12 -8.40
CA SEP A 19 8.85 1.22 -8.03
CB SEP A 19 7.48 1.12 -7.36
OG SEP A 19 7.63 0.40 -6.13
C SEP A 19 9.87 1.95 -7.16
O SEP A 19 9.76 3.16 -6.96
P SEP A 19 6.92 -1.08 -5.98
O1P SEP A 19 5.43 -0.87 -6.19
O2P SEP A 19 7.25 -1.54 -4.59
O3P SEP A 19 7.54 -1.93 -7.07
N HIS A 20 10.84 1.21 -6.61
CA HIS A 20 11.75 1.73 -5.61
C HIS A 20 12.95 2.38 -6.31
N MET A 21 13.65 3.31 -5.66
CA MET A 21 14.91 3.85 -6.19
C MET A 21 16.03 2.93 -5.71
N ILE A 22 16.97 2.61 -6.56
CA ILE A 22 18.20 1.89 -6.12
C ILE A 22 19.14 2.94 -5.56
N VAL A 23 19.47 2.78 -4.29
CA VAL A 23 20.32 3.73 -3.53
C VAL A 23 21.47 2.92 -2.92
N LYS A 24 22.69 3.29 -3.26
CA LYS A 24 23.89 2.57 -2.80
C LYS A 24 24.51 3.42 -1.69
N ASN A 25 24.65 2.84 -0.50
CA ASN A 25 25.39 3.51 0.59
C ASN A 25 26.73 4.01 0.03
N GLY A 26 27.04 5.28 0.28
CA GLY A 26 28.32 5.90 -0.10
C GLY A 26 28.28 6.60 -1.43
N GLU A 27 27.23 6.43 -2.25
CA GLU A 27 27.10 7.18 -3.50
C GLU A 27 26.84 8.64 -3.16
N LYS A 28 27.03 9.52 -4.13
CA LYS A 28 26.82 10.99 -3.95
C LYS A 28 25.88 11.48 -5.04
N TRP A 29 24.81 12.17 -4.65
CA TRP A 29 23.78 12.67 -5.58
C TRP A 29 24.07 14.13 -5.95
N MET A 30 23.99 14.49 -7.24
CA MET A 30 24.00 15.91 -7.71
C MET A 30 25.21 16.69 -7.13
N ASP A 31 26.33 16.01 -6.90
CA ASP A 31 27.57 16.57 -6.29
CA ASP A 31 27.57 16.52 -6.26
C ASP A 31 27.23 17.24 -4.95
N ARG A 32 26.23 16.74 -4.23
CA ARG A 32 25.76 17.44 -3.02
C ARG A 32 25.53 16.45 -1.87
N TYR A 33 24.69 15.44 -2.11
CA TYR A 33 24.22 14.56 -1.00
C TYR A 33 25.04 13.28 -0.96
N GLU A 34 25.73 13.06 0.16
CA GLU A 34 26.55 11.85 0.38
C GLU A 34 25.68 10.84 1.13
N ILE A 35 25.26 9.79 0.48
CA ILE A 35 24.33 8.82 1.10
C ILE A 35 25.08 7.99 2.14
N ASP A 36 24.62 8.03 3.38
CA ASP A 36 25.26 7.29 4.48
C ASP A 36 24.60 5.93 4.61
N SER A 37 23.29 5.91 4.85
CA SER A 37 22.58 4.67 5.27
C SER A 37 21.06 4.83 5.16
N LEU A 38 20.37 3.69 5.21
CA LEU A 38 18.89 3.59 5.28
C LEU A 38 18.44 3.87 6.70
N ILE A 39 17.58 4.85 6.88
CA ILE A 39 16.94 5.15 8.20
C ILE A 39 15.70 4.28 8.34
N GLY A 40 14.91 4.15 7.28
CA GLY A 40 13.62 3.46 7.37
C GLY A 40 13.08 3.18 5.99
N LYS A 41 12.30 2.11 5.90
CA LYS A 41 11.53 1.71 4.71
C LYS A 41 10.08 1.97 5.11
N GLY A 42 9.19 2.20 4.16
CA GLY A 42 7.75 2.31 4.45
C GLY A 42 6.94 2.02 3.22
N SER A 43 5.62 2.07 3.36
CA SER A 43 4.73 1.91 2.19
C SER A 43 5.08 3.02 1.18
N PHE A 44 5.41 4.24 1.61
CA PHE A 44 5.68 5.36 0.65
C PHE A 44 6.96 5.13 -0.21
N GLY A 45 7.89 4.30 0.25
CA GLY A 45 9.29 4.36 -0.24
C GLY A 45 10.29 4.18 0.87
N GLN A 46 11.35 4.99 0.88
CA GLN A 46 12.45 4.84 1.86
C GLN A 46 12.93 6.19 2.37
N VAL A 47 13.60 6.18 3.52
CA VAL A 47 14.22 7.38 4.11
C VAL A 47 15.72 7.08 4.29
N VAL A 48 16.58 7.93 3.74
CA VAL A 48 18.05 7.72 3.83
C VAL A 48 18.67 8.89 4.55
N LYS A 49 19.65 8.57 5.37
CA LYS A 49 20.52 9.55 6.01
C LYS A 49 21.61 9.97 5.03
N ALA A 50 21.80 11.28 4.87
CA ALA A 50 22.73 11.79 3.85
C ALA A 50 23.36 13.04 4.43
N TYR A 51 24.60 13.28 4.04
CA TYR A 51 25.32 14.51 4.39
C TYR A 51 25.20 15.48 3.22
N ASP A 52 24.61 16.65 3.47
CA ASP A 52 24.45 17.75 2.51
C ASP A 52 25.75 18.56 2.57
N ARG A 53 26.61 18.35 1.59
CA ARG A 53 28.00 18.89 1.61
C ARG A 53 27.92 20.40 1.36
N VAL A 54 26.89 20.87 0.67
CA VAL A 54 26.68 22.31 0.37
C VAL A 54 26.35 23.02 1.69
N GLU A 55 25.37 22.55 2.44
CA GLU A 55 24.95 23.16 3.72
C GLU A 55 25.80 22.64 4.88
N GLN A 56 26.57 21.55 4.72
CA GLN A 56 27.44 20.97 5.79
C GLN A 56 26.57 20.55 6.96
N GLU A 57 25.57 19.71 6.70
CA GLU A 57 24.66 19.22 7.75
C GLU A 57 24.08 17.89 7.33
N TRP A 58 23.68 17.10 8.29
CA TRP A 58 22.94 15.85 8.01
C TRP A 58 21.53 16.23 7.58
N VAL A 59 20.97 15.45 6.65
CA VAL A 59 19.54 15.51 6.26
C VAL A 59 19.00 14.09 6.20
N ALA A 60 17.68 13.98 6.27
CA ALA A 60 16.90 12.75 6.04
C ALA A 60 16.20 12.96 4.72
N ILE A 61 16.47 12.12 3.74
CA ILE A 61 15.82 12.25 2.42
C ILE A 61 14.74 11.18 2.33
N LYS A 62 13.51 11.61 2.19
CA LYS A 62 12.37 10.71 1.99
C LYS A 62 12.20 10.54 0.48
N ILE A 63 12.41 9.33 0.01
CA ILE A 63 12.37 8.97 -1.44
C ILE A 63 11.04 8.29 -1.69
N ILE A 64 10.19 8.92 -2.49
CA ILE A 64 8.84 8.38 -2.77
C ILE A 64 8.92 7.35 -3.90
N LYS A 65 8.29 6.19 -3.71
CA LYS A 65 8.10 5.20 -4.80
C LYS A 65 7.59 5.88 -6.08
N ASN A 66 7.96 5.36 -7.24
CA ASN A 66 7.37 5.82 -8.52
C ASN A 66 6.04 5.07 -8.67
N LYS A 67 5.03 5.51 -7.94
CA LYS A 67 3.68 4.90 -7.86
C LYS A 67 2.69 6.03 -7.61
N LYS A 68 1.65 6.13 -8.44
CA LYS A 68 0.72 7.28 -8.49
C LYS A 68 0.16 7.56 -7.09
N ALA A 69 -0.29 6.55 -6.36
CA ALA A 69 -0.95 6.77 -5.06
C ALA A 69 0.03 7.47 -4.10
N PHE A 70 1.28 7.00 -4.04
CA PHE A 70 2.30 7.52 -3.10
C PHE A 70 2.76 8.88 -3.58
N LEU A 71 2.89 9.11 -4.87
CA LEU A 71 3.24 10.44 -5.39
C LEU A 71 2.14 11.43 -4.98
N ASN A 72 0.86 11.06 -5.08
CA ASN A 72 -0.25 11.96 -4.66
C ASN A 72 -0.17 12.21 -3.15
N GLN A 73 0.02 11.19 -2.29
CA GLN A 73 0.12 11.44 -0.84
C GLN A 73 1.27 12.40 -0.59
N ALA A 74 2.39 12.26 -1.31
CA ALA A 74 3.62 13.01 -1.08
C ALA A 74 3.41 14.47 -1.52
N GLN A 75 2.60 14.69 -2.56
CA GLN A 75 2.31 16.07 -3.01
C GLN A 75 1.43 16.78 -1.98
N ILE A 76 0.50 16.06 -1.37
CA ILE A 76 -0.32 16.61 -0.23
C ILE A 76 0.66 16.94 0.89
N GLU A 77 1.53 15.99 1.26
CA GLU A 77 2.56 16.22 2.32
C GLU A 77 3.34 17.52 2.00
N VAL A 78 3.83 17.69 0.76
CA VAL A 78 4.65 18.88 0.42
C VAL A 78 3.80 20.15 0.58
N ARG A 79 2.58 20.14 0.06
CA ARG A 79 1.70 21.33 0.11
C ARG A 79 1.43 21.69 1.58
N LEU A 80 1.21 20.69 2.44
CA LEU A 80 0.85 20.99 3.85
C LEU A 80 2.09 21.49 4.59
N LEU A 81 3.22 20.85 4.41
CA LEU A 81 4.44 21.31 5.08
C LEU A 81 4.83 22.73 4.62
N GLU A 82 4.70 23.02 3.33
CA GLU A 82 5.05 24.37 2.82
C GLU A 82 4.09 25.41 3.40
N LEU A 83 2.82 25.06 3.56
CA LEU A 83 1.81 25.99 4.12
C LEU A 83 2.24 26.34 5.53
N MET A 84 2.64 25.33 6.30
CA MET A 84 3.01 25.49 7.73
C MET A 84 4.25 26.40 7.83
N ASN A 85 5.17 26.29 6.87
CA ASN A 85 6.45 27.05 6.86
C ASN A 85 6.26 28.56 6.74
N LYS A 86 5.19 29.02 6.11
CA LYS A 86 4.92 30.47 5.94
C LYS A 86 4.59 31.11 7.31
N HIS A 87 4.24 30.34 8.33
CA HIS A 87 3.83 30.93 9.64
C HIS A 87 5.02 31.44 10.45
N ASP A 88 4.86 32.53 11.19
CA ASP A 88 5.98 33.10 11.98
C ASP A 88 6.10 32.43 13.35
N THR A 89 4.99 31.97 13.94
CA THR A 89 4.91 31.49 15.35
C THR A 89 6.02 30.47 15.64
N GLU A 90 6.53 30.50 16.87
CA GLU A 90 7.50 29.50 17.36
C GLU A 90 6.85 28.10 17.47
N MET A 91 5.52 28.02 17.49
CA MET A 91 4.80 26.72 17.60
C MET A 91 5.07 25.86 16.35
N LYS A 92 5.47 26.46 15.23
CA LYS A 92 5.71 25.64 13.99
C LYS A 92 6.95 24.77 14.14
N TYR A 93 7.81 25.02 15.13
CA TYR A 93 9.07 24.24 15.26
C TYR A 93 8.79 22.89 15.93
N TYR A 94 7.56 22.56 16.36
CA TYR A 94 7.22 21.18 16.78
C TYR A 94 6.90 20.27 15.59
N ILE A 95 6.89 20.81 14.38
CA ILE A 95 6.64 20.05 13.13
C ILE A 95 7.98 19.93 12.38
N VAL A 96 8.30 18.75 11.92
CA VAL A 96 9.54 18.49 11.18
C VAL A 96 9.64 19.47 10.00
N HIS A 97 10.83 19.99 9.77
CA HIS A 97 11.07 21.01 8.73
C HIS A 97 11.44 20.36 7.40
N LEU A 98 10.66 20.63 6.37
CA LEU A 98 10.97 20.27 4.97
C LEU A 98 11.88 21.35 4.39
N LYS A 99 13.12 20.98 4.06
CA LYS A 99 14.14 21.94 3.59
C LYS A 99 13.89 22.21 2.12
N ARG A 100 13.56 21.19 1.37
CA ARG A 100 13.41 21.32 -0.08
C ARG A 100 12.94 19.98 -0.62
N HIS A 101 12.55 19.97 -1.89
CA HIS A 101 12.11 18.75 -2.58
C HIS A 101 12.59 18.86 -4.01
N PHE A 102 12.84 17.74 -4.63
CA PHE A 102 13.27 17.74 -6.04
C PHE A 102 12.91 16.39 -6.66
N MET A 103 12.99 16.31 -7.98
CA MET A 103 12.97 15.04 -8.73
C MET A 103 14.41 14.58 -8.95
N PHE A 104 14.65 13.30 -8.70
CA PHE A 104 15.95 12.66 -8.94
C PHE A 104 15.70 11.21 -9.35
N ARG A 105 16.29 10.81 -10.48
CA ARG A 105 16.11 9.47 -11.08
C ARG A 105 14.62 9.15 -11.16
N ASN A 106 13.80 10.17 -11.46
CA ASN A 106 12.34 10.03 -11.67
C ASN A 106 11.58 9.70 -10.38
N HIS A 107 12.14 10.00 -9.19
CA HIS A 107 11.45 9.89 -7.88
C HIS A 107 11.31 11.27 -7.26
N LEU A 108 10.17 11.57 -6.63
CA LEU A 108 10.04 12.74 -5.77
C LEU A 108 10.87 12.47 -4.51
N CYS A 109 11.76 13.39 -4.16
CA CYS A 109 12.62 13.34 -2.96
C CYS A 109 12.34 14.57 -2.09
N LEU A 110 11.99 14.34 -0.83
CA LEU A 110 11.77 15.37 0.21
C LEU A 110 12.96 15.36 1.16
N VAL A 111 13.64 16.48 1.28
CA VAL A 111 14.79 16.66 2.18
C VAL A 111 14.31 17.28 3.49
N PHE A 112 14.44 16.54 4.58
CA PHE A 112 14.04 17.03 5.91
C PHE A 112 15.26 17.29 6.74
N GLU A 113 15.13 18.10 7.78
CA GLU A 113 16.12 18.10 8.87
C GLU A 113 16.28 16.68 9.44
N MET A 114 17.49 16.38 9.90
CA MET A 114 17.77 15.06 10.47
C MET A 114 17.36 15.07 11.96
N LEU A 115 16.52 14.13 12.39
CA LEU A 115 16.13 14.08 13.80
C LEU A 115 16.76 12.83 14.42
N SER A 116 16.43 12.56 15.67
CA SER A 116 16.93 11.39 16.40
C SER A 116 15.83 10.31 16.44
N TYR A 117 15.83 9.45 17.45
CA TYR A 117 15.01 8.23 17.31
C TYR A 117 13.61 8.59 17.81
N ASN A 118 12.69 7.68 17.54
CA ASN A 118 11.25 7.96 17.79
C ASN A 118 10.88 7.54 19.21
N LEU A 119 9.66 7.89 19.64
CA LEU A 119 9.26 7.61 21.04
C LEU A 119 9.05 6.11 21.25
N TYR A 120 8.78 5.30 20.22
CA TYR A 120 8.72 3.86 20.40
C TYR A 120 10.12 3.35 20.76
N ASP A 121 11.13 3.85 20.06
CA ASP A 121 12.54 3.44 20.35
C ASP A 121 12.85 3.81 21.80
N LEU A 122 12.39 4.97 22.25
CA LEU A 122 12.62 5.43 23.62
C LEU A 122 12.01 4.44 24.60
N LEU A 123 10.77 4.01 24.36
CA LEU A 123 10.10 3.04 25.25
C LEU A 123 10.88 1.71 25.21
N ARG A 124 11.30 1.24 24.03
CA ARG A 124 12.12 -0.01 23.96
C ARG A 124 13.36 0.11 24.85
N ASN A 125 14.04 1.25 24.87
CA ASN A 125 15.23 1.51 25.71
C ASN A 125 14.86 1.47 27.21
N THR A 126 13.60 1.68 27.61
CA THR A 126 13.12 1.46 29.01
C THR A 126 12.79 -0.02 29.27
N ASN A 127 12.97 -0.93 28.30
CA ASN A 127 12.39 -2.30 28.35
CA ASN A 127 12.38 -2.31 28.30
C ASN A 127 10.88 -2.20 28.58
N PHE A 128 10.22 -1.20 27.98
CA PHE A 128 8.74 -1.04 28.04
C PHE A 128 8.27 -0.87 29.49
N ARG A 129 9.06 -0.25 30.33
CA ARG A 129 8.65 0.08 31.72
C ARG A 129 8.15 1.52 31.79
N GLY A 130 8.31 2.28 30.73
CA GLY A 130 7.77 3.63 30.64
C GLY A 130 8.78 4.68 31.03
N VAL A 131 8.58 5.90 30.54
CA VAL A 131 9.41 7.08 30.96
C VAL A 131 8.71 7.77 32.15
N SER A 132 9.43 8.64 32.84
CA SER A 132 8.96 9.34 34.06
C SER A 132 7.69 10.15 33.71
N LEU A 133 6.91 10.44 34.70
CA LEU A 133 5.80 11.41 34.53
C LEU A 133 6.33 12.79 34.14
N ASN A 134 7.49 13.19 34.65
CA ASN A 134 8.09 14.50 34.29
C ASN A 134 8.42 14.51 32.80
N LEU A 135 8.92 13.42 32.23
CA LEU A 135 9.25 13.43 30.79
C LEU A 135 7.96 13.36 29.97
N THR A 136 7.01 12.57 30.44
CA THR A 136 5.67 12.47 29.81
C THR A 136 5.07 13.86 29.74
N ARG A 137 5.16 14.64 30.81
CA ARG A 137 4.59 16.01 30.86
C ARG A 137 5.23 16.87 29.75
N LYS A 138 6.55 16.84 29.60
CA LYS A 138 7.29 17.59 28.56
C LYS A 138 6.82 17.18 27.16
N PHE A 139 6.63 15.89 26.92
CA PHE A 139 6.12 15.43 25.61
C PHE A 139 4.68 15.93 25.42
N ALA A 140 3.86 15.83 26.46
CA ALA A 140 2.44 16.24 26.39
C ALA A 140 2.36 17.73 26.02
N GLN A 141 3.15 18.56 26.68
CA GLN A 141 3.06 20.02 26.49
C GLN A 141 3.44 20.39 25.06
N GLN A 142 4.49 19.76 24.55
CA GLN A 142 4.98 19.99 23.18
C GLN A 142 3.96 19.49 22.16
N MET A 143 3.40 18.28 22.38
CA MET A 143 2.37 17.73 21.45
C MET A 143 1.12 18.61 21.48
N CYS A 144 0.68 19.08 22.65
CA CYS A 144 -0.51 19.94 22.69
C CYS A 144 -0.22 21.25 21.94
N THR A 145 1.00 21.78 22.06
CA THR A 145 1.40 23.00 21.30
C THR A 145 1.36 22.71 19.79
N ALA A 146 1.91 21.61 19.34
CA ALA A 146 1.89 21.21 17.91
C ALA A 146 0.44 21.14 17.41
N LEU A 147 -0.44 20.52 18.20
CA LEU A 147 -1.87 20.38 17.78
C LEU A 147 -2.56 21.75 17.76
N LEU A 148 -2.22 22.65 18.68
CA LEU A 148 -2.78 24.03 18.66
C LEU A 148 -2.35 24.67 17.34
N PHE A 149 -1.09 24.50 16.95
CA PHE A 149 -0.58 25.04 15.68
C PHE A 149 -1.39 24.50 14.50
N LEU A 150 -1.55 23.18 14.42
CA LEU A 150 -2.30 22.56 13.31
C LEU A 150 -3.74 23.07 13.29
N ALA A 151 -4.29 23.48 14.43
CA ALA A 151 -5.69 23.95 14.53
C ALA A 151 -5.83 25.41 14.09
N THR A 152 -4.73 26.10 13.79
CA THR A 152 -4.80 27.46 13.20
C THR A 152 -5.76 27.42 12.01
N PRO A 153 -6.78 28.30 11.93
CA PRO A 153 -7.81 28.18 10.89
C PRO A 153 -7.28 28.04 9.46
N GLU A 154 -6.26 28.81 9.09
CA GLU A 154 -5.71 28.77 7.71
C GLU A 154 -5.00 27.43 7.47
N LEU A 155 -4.68 26.67 8.52
CA LEU A 155 -4.07 25.33 8.38
C LEU A 155 -5.19 24.29 8.53
N SER A 156 -5.79 24.17 9.70
CA SER A 156 -6.88 23.19 9.95
C SER A 156 -6.45 21.79 9.50
N ILE A 157 -5.22 21.40 9.85
CA ILE A 157 -4.61 20.12 9.42
C ILE A 157 -4.93 19.03 10.44
N ILE A 158 -5.43 17.90 9.96
CA ILE A 158 -5.54 16.65 10.77
C ILE A 158 -4.36 15.78 10.36
N HIS A 159 -3.50 15.46 11.29
CA HIS A 159 -2.34 14.58 11.00
C HIS A 159 -2.83 13.20 10.54
N CYS A 160 -3.78 12.59 11.28
CA CYS A 160 -4.48 11.33 10.94
C CYS A 160 -3.60 10.10 11.18
N ASP A 161 -2.38 10.23 11.69
CA ASP A 161 -1.57 9.02 11.96
C ASP A 161 -0.64 9.26 13.13
N LEU A 162 -1.10 9.91 14.16
CA LEU A 162 -0.20 10.09 15.33
C LEU A 162 -0.03 8.73 16.02
N LYS A 163 1.21 8.47 16.41
CA LYS A 163 1.63 7.22 17.08
C LYS A 163 3.04 7.47 17.56
N PRO A 164 3.57 6.66 18.50
CA PRO A 164 4.92 6.92 19.01
C PRO A 164 5.97 6.98 17.90
N GLU A 165 5.80 6.16 16.88
CA GLU A 165 6.77 6.05 15.78
C GLU A 165 6.81 7.36 14.98
N ASN A 166 5.78 8.23 15.04
CA ASN A 166 5.72 9.47 14.24
C ASN A 166 6.05 10.70 15.09
N ILE A 167 6.55 10.50 16.30
CA ILE A 167 7.06 11.58 17.17
C ILE A 167 8.54 11.31 17.40
N LEU A 168 9.42 12.22 16.95
CA LEU A 168 10.88 11.99 17.01
C LEU A 168 11.52 12.97 17.98
N LEU A 169 12.49 12.51 18.74
CA LEU A 169 13.35 13.41 19.54
C LEU A 169 14.22 14.18 18.56
N CYS A 170 14.51 15.46 18.84
CA CYS A 170 15.48 16.25 18.04
C CYS A 170 16.92 15.78 18.33
N ASN A 171 17.20 15.43 19.57
CA ASN A 171 18.55 15.15 20.12
C ASN A 171 18.39 13.97 21.08
N PRO A 172 19.26 12.96 21.01
CA PRO A 172 19.07 11.78 21.84
C PRO A 172 19.17 12.05 23.36
N LYS A 173 19.74 13.17 23.79
CA LYS A 173 19.94 13.46 25.23
C LYS A 173 18.96 14.55 25.73
N ARG A 174 17.99 14.97 24.94
CA ARG A 174 17.07 16.08 25.30
C ARG A 174 15.62 15.65 25.04
N SER A 175 14.68 16.39 25.60
CA SER A 175 13.23 16.07 25.61
C SER A 175 12.51 16.72 24.41
N ALA A 176 13.16 17.59 23.63
CA ALA A 176 12.52 18.31 22.50
C ALA A 176 12.08 17.29 21.48
N ILE A 177 10.85 17.42 20.97
CA ILE A 177 10.30 16.50 19.95
C ILE A 177 9.72 17.28 18.78
N LYS A 178 9.53 16.57 17.69
CA LYS A 178 8.79 17.01 16.51
C LYS A 178 7.88 15.88 16.01
N ILE A 179 6.77 16.28 15.42
CA ILE A 179 5.90 15.37 14.64
C ILE A 179 6.43 15.22 13.21
N VAL A 180 6.41 13.99 12.68
CA VAL A 180 6.78 13.66 11.28
C VAL A 180 5.62 12.94 10.58
N ASP A 181 5.72 12.89 9.26
CA ASP A 181 4.88 12.06 8.37
C ASP A 181 3.43 12.58 8.28
N PHE A 182 3.26 13.57 7.40
CA PHE A 182 1.97 14.14 6.98
C PHE A 182 1.48 13.49 5.70
N GLY A 183 2.00 12.31 5.37
CA GLY A 183 1.55 11.56 4.18
C GLY A 183 0.09 11.14 4.23
N SER A 184 -0.52 10.93 5.39
CA SER A 184 -1.93 10.49 5.44
C SER A 184 -2.83 11.67 5.83
N SER A 185 -2.28 12.86 5.93
CA SER A 185 -2.93 14.05 6.52
C SER A 185 -3.95 14.65 5.54
N CYS A 186 -4.91 15.36 6.11
CA CYS A 186 -5.91 16.10 5.34
C CYS A 186 -6.28 17.38 6.09
N GLN A 187 -7.15 18.17 5.49
CA GLN A 187 -7.63 19.39 6.17
C GLN A 187 -9.09 19.24 6.54
N LEU A 188 -9.53 20.02 7.52
CA LEU A 188 -10.87 19.88 8.12
C LEU A 188 -11.92 19.79 7.01
N GLY A 189 -12.79 18.78 7.07
CA GLY A 189 -13.90 18.62 6.11
C GLY A 189 -13.58 17.62 5.02
N GLN A 190 -12.32 17.27 4.81
CA GLN A 190 -11.96 16.31 3.75
C GLN A 190 -12.19 14.89 4.26
N ARG A 191 -12.57 14.00 3.34
CA ARG A 191 -12.63 12.54 3.55
C ARG A 191 -11.92 11.95 2.34
N ILE A 192 -10.67 11.49 2.50
CA ILE A 192 -9.86 11.07 1.31
C ILE A 192 -9.71 9.56 1.36
N TYR A 193 -9.34 9.01 2.52
CA TYR A 193 -8.92 7.60 2.66
C TYR A 193 -10.03 6.80 3.36
N GLN A 194 -10.26 5.55 2.96
CA GLN A 194 -11.38 4.75 3.56
C GLN A 194 -11.10 4.45 5.04
N PTR A 195 -9.87 4.03 5.40
CA PTR A 195 -9.58 3.82 6.80
C PTR A 195 -8.45 4.80 7.13
O PTR A 195 -7.55 4.99 6.30
CB PTR A 195 -9.18 2.36 7.17
CG PTR A 195 -10.22 1.30 6.85
CD1 PTR A 195 -10.27 0.70 5.62
CD2 PTR A 195 -11.18 0.95 7.79
CE1 PTR A 195 -11.28 -0.19 5.30
CE2 PTR A 195 -12.19 0.03 7.51
CZ PTR A 195 -12.22 -0.53 6.25
OH PTR A 195 -13.20 -1.46 5.93
P PTR A 195 -14.76 -1.38 6.30
O1P PTR A 195 -15.26 -0.07 5.82
O2P PTR A 195 -14.95 -1.54 7.74
O3P PTR A 195 -15.39 -2.54 5.55
N ILE A 196 -8.53 5.42 8.31
CA ILE A 196 -7.48 6.31 8.76
C ILE A 196 -7.14 6.00 10.22
N GLN A 197 -5.95 6.43 10.62
CA GLN A 197 -5.30 6.34 11.94
C GLN A 197 -4.75 4.92 12.12
N SER A 198 -3.64 4.79 12.83
CA SER A 198 -3.13 3.46 13.23
C SER A 198 -4.07 2.88 14.27
N ARG A 199 -4.33 1.59 14.15
CA ARG A 199 -5.44 0.96 14.88
C ARG A 199 -5.38 1.24 16.39
N PHE A 200 -4.22 1.12 17.04
CA PHE A 200 -4.19 1.27 18.53
C PHE A 200 -4.56 2.73 18.92
N TYR A 201 -4.41 3.68 17.98
CA TYR A 201 -4.54 5.14 18.24
C TYR A 201 -5.78 5.72 17.53
N ARG A 202 -6.66 4.83 17.06
CA ARG A 202 -7.81 5.18 16.21
C ARG A 202 -9.00 5.60 17.10
N SER A 203 -9.56 6.76 16.83
CA SER A 203 -10.62 7.40 17.60
C SER A 203 -11.90 6.59 17.43
N PRO A 204 -12.83 6.74 18.39
CA PRO A 204 -14.15 6.11 18.27
C PRO A 204 -14.99 6.56 17.08
N GLU A 205 -14.91 7.84 16.74
CA GLU A 205 -15.68 8.39 15.58
C GLU A 205 -15.19 7.72 14.29
N VAL A 206 -13.89 7.47 14.11
CA VAL A 206 -13.36 6.76 12.92
C VAL A 206 -13.83 5.31 12.95
N LEU A 207 -13.72 4.61 14.08
CA LEU A 207 -14.19 3.21 14.20
C LEU A 207 -15.69 3.15 13.85
N LEU A 208 -16.44 4.19 14.21
CA LEU A 208 -17.92 4.18 14.08
C LEU A 208 -18.33 4.69 12.70
N GLY A 209 -17.38 5.10 11.83
CA GLY A 209 -17.68 5.69 10.50
C GLY A 209 -18.40 7.00 10.57
N MET A 210 -18.22 7.76 11.66
CA MET A 210 -18.74 9.13 11.83
C MET A 210 -17.80 10.16 11.25
N PRO A 211 -18.31 11.40 11.03
CA PRO A 211 -17.46 12.52 10.64
C PRO A 211 -16.29 12.70 11.61
N TYR A 212 -15.15 13.10 11.07
CA TYR A 212 -13.93 13.33 11.88
C TYR A 212 -13.36 14.71 11.63
N ASP A 213 -12.82 15.27 12.68
CA ASP A 213 -12.18 16.60 12.66
C ASP A 213 -10.84 16.53 13.42
N LEU A 214 -10.32 17.67 13.84
CA LEU A 214 -8.97 17.70 14.46
C LEU A 214 -9.01 16.93 15.78
N ALA A 215 -10.18 16.73 16.37
CA ALA A 215 -10.29 16.03 17.68
C ALA A 215 -9.76 14.58 17.58
N ILE A 216 -9.67 13.98 16.39
CA ILE A 216 -9.18 12.58 16.31
C ILE A 216 -7.71 12.58 16.72
N ASP A 217 -6.97 13.65 16.48
CA ASP A 217 -5.52 13.68 16.84
C ASP A 217 -5.36 13.82 18.35
N MET A 218 -6.25 14.53 19.04
CA MET A 218 -6.24 14.59 20.51
C MET A 218 -6.53 13.20 21.12
N TRP A 219 -7.46 12.44 20.57
CA TRP A 219 -7.70 11.03 20.97
C TRP A 219 -6.37 10.27 20.94
N SER A 220 -5.70 10.31 19.78
CA SER A 220 -4.41 9.59 19.58
C SER A 220 -3.41 10.04 20.64
N LEU A 221 -3.31 11.35 20.85
CA LEU A 221 -2.36 11.91 21.86
C LEU A 221 -2.64 11.33 23.25
N GLY A 222 -3.91 11.30 23.67
CA GLY A 222 -4.29 10.66 24.95
C GLY A 222 -3.77 9.22 25.08
N CYS A 223 -3.98 8.42 24.06
CA CYS A 223 -3.49 7.03 24.00
C CYS A 223 -1.95 6.98 24.11
N ILE A 224 -1.29 7.80 23.31
CA ILE A 224 0.20 7.88 23.29
C ILE A 224 0.71 8.20 24.68
N LEU A 225 0.15 9.17 25.35
CA LEU A 225 0.78 9.66 26.60
C LEU A 225 0.67 8.58 27.68
N VAL A 226 -0.43 7.83 27.72
CA VAL A 226 -0.56 6.72 28.71
C VAL A 226 0.53 5.68 28.42
N GLU A 227 0.70 5.34 27.15
CA GLU A 227 1.67 4.34 26.72
C GLU A 227 3.09 4.83 27.06
N MET A 228 3.37 6.13 26.92
CA MET A 228 4.74 6.61 27.21
C MET A 228 5.07 6.41 28.70
N HIS A 229 4.10 6.55 29.59
CA HIS A 229 4.32 6.41 31.05
C HIS A 229 4.23 4.94 31.47
N THR A 230 3.32 4.11 30.90
CA THR A 230 3.16 2.70 31.36
C THR A 230 4.12 1.76 30.64
N GLY A 231 4.56 2.14 29.44
CA GLY A 231 5.38 1.32 28.54
C GLY A 231 4.56 0.44 27.60
N GLU A 232 3.22 0.37 27.74
CA GLU A 232 2.35 -0.55 26.99
C GLU A 232 1.21 0.24 26.33
N PRO A 233 0.73 -0.18 25.16
CA PRO A 233 -0.37 0.53 24.51
C PRO A 233 -1.62 0.42 25.40
N LEU A 234 -2.37 1.50 25.50
CA LEU A 234 -3.62 1.56 26.29
C LEU A 234 -4.65 0.60 25.71
N PHE A 235 -4.81 0.65 24.39
CA PHE A 235 -5.85 -0.10 23.65
C PHE A 235 -5.18 -0.90 22.53
N SER A 236 -4.73 -2.13 22.79
CA SER A 236 -3.90 -2.89 21.81
C SER A 236 -4.80 -3.85 20.98
N GLY A 237 -5.75 -3.34 20.20
CA GLY A 237 -6.72 -4.20 19.48
C GLY A 237 -6.05 -4.92 18.29
N ALA A 238 -6.44 -6.18 18.06
CA ALA A 238 -5.91 -7.08 17.01
C ALA A 238 -6.68 -6.79 15.71
N ASN A 239 -7.83 -6.14 15.82
CA ASN A 239 -8.75 -5.81 14.71
C ASN A 239 -9.71 -4.75 15.23
N GLU A 240 -10.57 -4.19 14.38
CA GLU A 240 -11.39 -3.03 14.78
C GLU A 240 -12.34 -3.45 15.90
N VAL A 241 -12.91 -4.66 15.85
CA VAL A 241 -13.90 -5.08 16.90
C VAL A 241 -13.16 -5.18 18.25
N ASP A 242 -12.02 -5.86 18.28
CA ASP A 242 -11.16 -6.01 19.48
C ASP A 242 -10.76 -4.60 19.99
N GLN A 243 -10.44 -3.68 19.07
CA GLN A 243 -10.08 -2.28 19.45
C GLN A 243 -11.23 -1.63 20.18
N MET A 244 -12.43 -1.62 19.59
CA MET A 244 -13.59 -0.96 20.25
C MET A 244 -13.82 -1.63 21.61
N ASN A 245 -13.70 -2.94 21.68
CA ASN A 245 -13.95 -3.67 22.95
C ASN A 245 -12.93 -3.27 24.02
N LYS A 246 -11.67 -3.07 23.63
CA LYS A 246 -10.63 -2.64 24.60
C LYS A 246 -10.92 -1.20 25.04
N ILE A 247 -11.42 -0.36 24.14
CA ILE A 247 -11.81 1.01 24.51
C ILE A 247 -12.97 0.95 25.53
N VAL A 248 -13.96 0.09 25.28
CA VAL A 248 -15.16 -0.02 26.17
C VAL A 248 -14.75 -0.59 27.55
N GLU A 249 -13.78 -1.49 27.63
CA GLU A 249 -13.24 -1.97 28.95
C GLU A 249 -12.91 -0.80 29.86
N VAL A 250 -12.27 0.23 29.30
CA VAL A 250 -11.75 1.37 30.11
C VAL A 250 -12.83 2.44 30.25
N LEU A 251 -13.58 2.72 29.19
CA LEU A 251 -14.42 3.94 29.09
C LEU A 251 -15.93 3.68 29.13
N GLY A 252 -16.39 2.43 29.06
CA GLY A 252 -17.83 2.09 29.10
C GLY A 252 -18.45 2.15 27.72
N ILE A 253 -19.74 1.91 27.65
CA ILE A 253 -20.50 1.99 26.37
C ILE A 253 -20.54 3.45 25.97
N PRO A 254 -20.29 3.79 24.70
CA PRO A 254 -20.38 5.17 24.27
C PRO A 254 -21.78 5.71 24.52
N PRO A 255 -21.93 7.04 24.61
CA PRO A 255 -23.22 7.67 24.76
C PRO A 255 -24.18 7.32 23.61
N ALA A 256 -25.46 7.18 23.96
CA ALA A 256 -26.56 6.92 22.99
C ALA A 256 -26.63 7.98 21.90
N HIS A 257 -26.46 9.27 22.19
CA HIS A 257 -26.59 10.31 21.14
C HIS A 257 -25.52 10.12 20.08
N ILE A 258 -24.37 9.56 20.42
CA ILE A 258 -23.37 9.19 19.39
C ILE A 258 -23.78 7.90 18.65
N LEU A 259 -24.08 6.82 19.34
CA LEU A 259 -24.34 5.53 18.66
C LEU A 259 -25.59 5.61 17.76
N ASP A 260 -26.58 6.41 18.17
CA ASP A 260 -27.86 6.57 17.40
C ASP A 260 -27.56 7.20 16.04
N GLN A 261 -26.42 7.90 15.88
CA GLN A 261 -26.04 8.58 14.62
C GLN A 261 -24.89 7.89 13.92
N ALA A 262 -24.34 6.81 14.49
CA ALA A 262 -23.13 6.19 13.93
C ALA A 262 -23.51 5.21 12.85
N PRO A 263 -22.99 5.39 11.63
CA PRO A 263 -23.20 4.39 10.58
C PRO A 263 -22.79 2.97 10.94
N LYS A 264 -21.71 2.79 11.71
CA LYS A 264 -21.18 1.45 12.00
C LYS A 264 -21.42 1.05 13.47
N ALA A 265 -22.43 1.62 14.12
CA ALA A 265 -22.77 1.28 15.53
C ALA A 265 -22.95 -0.25 15.62
N ARG A 266 -23.60 -0.88 14.62
CA ARG A 266 -24.02 -2.31 14.75
C ARG A 266 -22.86 -3.27 14.45
N LYS A 267 -21.71 -2.77 14.02
CA LYS A 267 -20.45 -3.54 13.96
C LYS A 267 -20.01 -3.95 15.38
N PHE A 268 -20.33 -3.16 16.39
CA PHE A 268 -19.80 -3.36 17.77
C PHE A 268 -20.91 -3.47 18.79
N PHE A 269 -22.05 -2.80 18.58
CA PHE A 269 -23.11 -2.60 19.60
C PHE A 269 -24.46 -3.10 19.07
N GLU A 270 -25.39 -3.30 20.00
CA GLU A 270 -26.79 -3.63 19.63
C GLU A 270 -27.75 -2.85 20.51
N LYS A 271 -28.77 -2.29 19.86
CA LYS A 271 -29.75 -1.42 20.52
C LYS A 271 -30.81 -2.35 21.10
N LEU A 272 -31.06 -2.25 22.39
CA LEU A 272 -32.01 -3.18 23.06
C LEU A 272 -33.41 -2.62 22.91
N PRO A 273 -34.45 -3.45 23.17
CA PRO A 273 -35.85 -3.01 23.12
C PRO A 273 -36.15 -1.65 23.79
N ASP A 274 -35.54 -1.34 24.95
CA ASP A 274 -35.73 -0.06 25.69
C ASP A 274 -34.93 1.09 25.09
N GLY A 275 -34.10 0.87 24.08
CA GLY A 275 -33.40 1.97 23.38
C GLY A 275 -32.00 2.17 23.89
N THR A 276 -31.60 1.39 24.90
CA THR A 276 -30.24 1.44 25.48
C THR A 276 -29.32 0.55 24.65
N TRP A 277 -28.03 0.90 24.63
CA TRP A 277 -27.04 0.19 23.79
C TRP A 277 -26.19 -0.73 24.65
N ASN A 278 -25.90 -1.90 24.16
CA ASN A 278 -25.03 -2.91 24.80
C ASN A 278 -24.04 -3.38 23.77
N LEU A 279 -23.05 -4.13 24.20
CA LEU A 279 -22.07 -4.73 23.28
C LEU A 279 -22.78 -5.80 22.45
N LYS A 280 -22.40 -5.93 21.20
CA LYS A 280 -22.87 -7.01 20.29
C LYS A 280 -22.41 -8.37 20.82
N LYS A 281 -23.33 -9.34 20.80
CA LYS A 281 -23.09 -10.78 21.05
C LYS A 281 -21.95 -11.25 20.14
N THR A 282 -21.04 -12.05 20.68
CA THR A 282 -19.88 -12.63 19.95
C THR A 282 -20.32 -13.93 19.25
N LYS A 283 -19.53 -14.36 18.26
CA LYS A 283 -19.77 -15.63 17.50
C LYS A 283 -19.78 -16.81 18.50
N ASP A 284 -18.82 -16.81 19.44
CA ASP A 284 -18.59 -17.76 20.57
C ASP A 284 -17.91 -19.03 20.05
N GLU A 288 -15.51 -12.45 27.26
CA GLU A 288 -14.02 -12.53 27.30
C GLU A 288 -13.40 -11.20 27.77
N TYR A 289 -14.05 -10.06 27.55
CA TYR A 289 -13.56 -8.73 28.01
C TYR A 289 -13.98 -8.47 29.46
N LYS A 290 -13.25 -7.58 30.12
CA LYS A 290 -13.69 -7.01 31.41
C LYS A 290 -15.00 -6.27 31.13
N PRO A 291 -15.94 -6.27 32.09
CA PRO A 291 -17.19 -5.55 31.92
C PRO A 291 -16.93 -4.10 31.57
N PRO A 292 -17.86 -3.46 30.84
CA PRO A 292 -17.71 -2.07 30.40
C PRO A 292 -17.39 -1.09 31.54
N GLY A 293 -16.33 -0.30 31.34
CA GLY A 293 -15.93 0.77 32.26
C GLY A 293 -15.26 0.24 33.52
N THR A 294 -14.94 -1.03 33.60
CA THR A 294 -14.36 -1.60 34.87
C THR A 294 -12.83 -1.63 34.88
N ARG A 295 -12.17 -1.47 33.73
CA ARG A 295 -10.69 -1.37 33.61
C ARG A 295 -10.32 0.10 33.78
N LYS A 296 -10.28 0.58 35.02
CA LYS A 296 -10.24 2.02 35.31
C LYS A 296 -8.86 2.56 34.98
N LEU A 297 -8.79 3.71 34.33
CA LEU A 297 -7.50 4.37 34.08
C LEU A 297 -6.81 4.73 35.41
N HIS A 298 -7.58 4.98 36.46
CA HIS A 298 -7.04 5.26 37.82
C HIS A 298 -6.09 4.11 38.26
N ASN A 299 -6.43 2.86 37.91
CA ASN A 299 -5.66 1.65 38.27
C ASN A 299 -4.57 1.37 37.23
N ILE A 300 -4.85 1.60 35.95
CA ILE A 300 -3.83 1.46 34.90
C ILE A 300 -2.63 2.34 35.22
N LEU A 301 -2.87 3.58 35.61
CA LEU A 301 -1.79 4.54 35.95
C LEU A 301 -1.24 4.31 37.36
N GLY A 302 -1.94 3.58 38.23
CA GLY A 302 -1.48 3.34 39.62
C GLY A 302 -1.51 4.62 40.44
N VAL A 303 -2.55 5.43 40.32
CA VAL A 303 -2.61 6.80 40.90
C VAL A 303 -2.27 6.71 42.41
N GLU A 304 -2.84 5.75 43.11
CA GLU A 304 -2.76 5.65 44.59
C GLU A 304 -1.70 4.62 45.01
N THR A 305 -1.09 3.91 44.08
CA THR A 305 -0.38 2.64 44.33
C THR A 305 1.03 2.68 43.71
N GLY A 306 1.66 3.86 43.61
CA GLY A 306 3.06 3.96 43.18
C GLY A 306 3.28 3.99 41.69
N GLY A 307 2.26 4.38 40.94
CA GLY A 307 2.35 4.45 39.48
C GLY A 307 2.31 3.06 38.85
N PRO A 308 2.67 2.98 37.56
CA PRO A 308 2.61 1.70 36.85
C PRO A 308 3.51 0.61 37.46
N GLY A 309 2.86 -0.49 37.84
CA GLY A 309 3.49 -1.64 38.52
C GLY A 309 3.99 -1.31 39.90
N GLY A 310 3.64 -0.13 40.44
CA GLY A 310 4.19 0.34 41.73
C GLY A 310 5.59 0.89 41.60
N ARG A 311 6.13 1.01 40.38
CA ARG A 311 7.58 1.24 40.21
C ARG A 311 7.98 2.68 40.53
N ARG A 312 7.04 3.61 40.66
CA ARG A 312 7.38 5.03 40.89
C ARG A 312 7.21 5.45 42.36
N ALA A 313 6.88 4.55 43.28
CA ALA A 313 6.83 4.88 44.71
C ALA A 313 8.29 5.15 45.17
N GLY A 314 8.56 6.03 46.11
CA GLY A 314 9.96 6.31 46.50
C GLY A 314 10.82 6.92 45.37
N GLU A 315 10.18 7.43 44.30
CA GLU A 315 10.76 8.42 43.35
C GLU A 315 9.96 9.70 43.56
N SER A 316 10.61 10.85 43.41
CA SER A 316 10.01 12.20 43.35
C SER A 316 9.31 12.41 42.01
N GLY A 317 8.55 13.50 41.91
CA GLY A 317 7.76 13.87 40.72
C GLY A 317 6.60 12.91 40.39
N HIS A 318 6.17 12.01 41.26
CA HIS A 318 5.10 11.01 40.98
C HIS A 318 4.11 10.98 42.16
N THR A 319 3.65 12.13 42.62
CA THR A 319 2.76 12.16 43.78
C THR A 319 1.35 11.75 43.35
N VAL A 320 0.53 11.41 44.32
CA VAL A 320 -0.92 11.14 44.05
C VAL A 320 -1.52 12.38 43.37
N ALA A 321 -1.23 13.60 43.85
CA ALA A 321 -1.72 14.86 43.25
C ALA A 321 -1.30 14.95 41.77
N ASP A 322 -0.04 14.67 41.46
CA ASP A 322 0.49 14.69 40.06
C ASP A 322 -0.27 13.67 39.22
N TYR A 323 -0.46 12.46 39.74
CA TYR A 323 -1.18 11.42 38.98
C TYR A 323 -2.63 11.79 38.76
N LEU A 324 -3.31 12.43 39.72
CA LEU A 324 -4.74 12.75 39.48
C LEU A 324 -4.82 13.78 38.35
N LYS A 325 -3.91 14.75 38.33
CA LYS A 325 -3.93 15.75 37.25
C LYS A 325 -3.68 15.06 35.89
N PHE A 326 -2.75 14.13 35.81
CA PHE A 326 -2.44 13.41 34.56
C PHE A 326 -3.67 12.61 34.12
N LYS A 327 -4.24 11.84 35.04
CA LYS A 327 -5.43 11.02 34.74
C LYS A 327 -6.55 11.93 34.24
N ASP A 328 -6.80 13.05 34.90
CA ASP A 328 -7.95 13.93 34.57
C ASP A 328 -7.74 14.48 33.14
N LEU A 329 -6.53 14.89 32.81
CA LEU A 329 -6.27 15.45 31.44
C LEU A 329 -6.49 14.33 30.43
N ILE A 330 -5.95 13.15 30.68
CA ILE A 330 -6.05 12.03 29.71
C ILE A 330 -7.54 11.69 29.50
N LEU A 331 -8.33 11.68 30.58
CA LEU A 331 -9.77 11.31 30.39
C LEU A 331 -10.51 12.41 29.60
N ARG A 332 -10.07 13.66 29.68
CA ARG A 332 -10.63 14.72 28.82
C ARG A 332 -10.18 14.51 27.36
N MET A 333 -8.98 13.97 27.14
CA MET A 333 -8.52 13.68 25.77
C MET A 333 -9.26 12.47 25.20
N LEU A 334 -9.74 11.54 26.06
CA LEU A 334 -10.43 10.30 25.64
C LEU A 334 -11.95 10.43 25.84
N ASP A 335 -12.49 11.64 25.84
CA ASP A 335 -13.95 11.88 25.78
C ASP A 335 -14.46 11.21 24.51
N TYR A 336 -15.48 10.36 24.62
CA TYR A 336 -16.15 9.78 23.42
C TYR A 336 -16.72 10.85 22.50
N ASP A 337 -17.11 12.01 23.02
CA ASP A 337 -17.83 13.02 22.24
C ASP A 337 -16.79 13.95 21.62
N PRO A 338 -16.60 13.98 20.29
CA PRO A 338 -15.57 14.86 19.71
C PRO A 338 -15.85 16.35 19.87
N LYS A 339 -17.11 16.70 20.12
CA LYS A 339 -17.49 18.11 20.34
C LYS A 339 -17.07 18.58 21.73
N THR A 340 -16.99 17.70 22.70
CA THR A 340 -16.64 18.10 24.09
C THR A 340 -15.22 17.67 24.46
N ARG A 341 -14.62 16.76 23.71
CA ARG A 341 -13.22 16.37 23.93
C ARG A 341 -12.37 17.63 24.09
N ILE A 342 -11.43 17.60 25.02
CA ILE A 342 -10.58 18.80 25.27
C ILE A 342 -9.79 19.16 24.00
N GLN A 343 -9.75 20.47 23.70
CA GLN A 343 -9.05 21.03 22.53
C GLN A 343 -7.68 21.51 23.00
N PRO A 344 -6.69 21.52 22.10
CA PRO A 344 -5.30 21.87 22.44
C PRO A 344 -5.22 23.18 23.23
N TYR A 345 -6.02 24.18 22.86
CA TYR A 345 -5.97 25.53 23.49
C TYR A 345 -6.24 25.39 24.98
N TYR A 346 -7.18 24.53 25.32
CA TYR A 346 -7.64 24.34 26.71
C TYR A 346 -6.74 23.28 27.41
N ALA A 347 -6.26 22.29 26.69
CA ALA A 347 -5.34 21.29 27.28
C ALA A 347 -4.09 22.00 27.82
N LEU A 348 -3.57 22.99 27.11
CA LEU A 348 -2.34 23.70 27.55
C LEU A 348 -2.54 24.44 28.87
N GLN A 349 -3.77 24.75 29.23
CA GLN A 349 -4.10 25.48 30.45
C GLN A 349 -4.39 24.52 31.59
N HIS A 350 -4.29 23.22 31.36
CA HIS A 350 -4.63 22.23 32.42
C HIS A 350 -3.61 22.36 33.56
N SER A 351 -4.03 22.03 34.78
CA SER A 351 -3.18 22.08 35.99
C SER A 351 -2.01 21.09 35.87
N PHE A 352 -2.12 20.05 35.05
CA PHE A 352 -0.96 19.13 34.80
C PHE A 352 0.26 19.91 34.33
N PHE A 353 0.06 21.02 33.62
CA PHE A 353 1.17 21.83 33.07
C PHE A 353 1.47 23.05 33.94
N ALA A 354 0.81 23.24 35.07
CA ALA A 354 0.97 24.46 35.90
C ALA A 354 2.41 24.61 36.40
N PRO B 16 2.88 -6.73 18.85
CA PRO B 16 3.18 -6.62 17.40
C PRO B 16 2.92 -5.20 16.85
N ARG B 17 3.96 -4.49 16.36
CA ARG B 17 3.87 -3.07 15.87
C ARG B 17 3.55 -3.06 14.37
N GLY B 18 4.31 -3.80 13.57
CA GLY B 18 4.17 -3.74 12.10
C GLY B 18 2.80 -4.24 11.63
N SEP B 19 2.47 -3.94 10.39
CA SEP B 19 1.35 -4.61 9.73
CB SEP B 19 0.84 -3.73 8.62
OG SEP B 19 1.98 -3.32 7.85
C SEP B 19 1.81 -5.98 9.24
O SEP B 19 0.96 -6.80 8.91
P SEP B 19 2.32 -1.76 7.74
O1P SEP B 19 2.51 -1.24 9.17
O2P SEP B 19 3.59 -1.74 6.93
O3P SEP B 19 1.15 -1.08 7.05
N HIS B 20 3.13 -6.22 9.15
CA HIS B 20 3.69 -7.47 8.67
C HIS B 20 3.84 -8.51 9.78
N MET B 21 3.83 -9.81 9.45
CA MET B 21 4.05 -10.89 10.43
C MET B 21 5.56 -11.04 10.64
N ILE B 22 5.98 -11.32 11.88
CA ILE B 22 7.41 -11.69 12.15
C ILE B 22 7.54 -13.17 11.83
N VAL B 23 8.40 -13.45 10.87
CA VAL B 23 8.61 -14.79 10.30
C VAL B 23 10.08 -15.16 10.53
N LYS B 24 10.29 -16.28 11.20
CA LYS B 24 11.61 -16.85 11.56
C LYS B 24 11.82 -18.10 10.70
N ASN B 25 12.84 -18.09 9.84
CA ASN B 25 13.26 -19.31 9.08
C ASN B 25 13.50 -20.44 10.07
N GLY B 26 12.99 -21.63 9.73
CA GLY B 26 13.12 -22.85 10.52
C GLY B 26 11.97 -23.01 11.50
N GLU B 27 11.09 -22.03 11.67
CA GLU B 27 9.98 -22.18 12.64
C GLU B 27 8.91 -23.09 12.05
N LYS B 28 8.03 -23.59 12.91
CA LYS B 28 6.97 -24.52 12.48
C LYS B 28 5.62 -23.94 12.90
N TRP B 29 4.72 -23.75 11.95
CA TRP B 29 3.37 -23.19 12.24
C TRP B 29 2.38 -24.34 12.42
N MET B 30 1.60 -24.32 13.50
CA MET B 30 0.42 -25.20 13.65
C MET B 30 0.84 -26.69 13.52
N ASP B 31 2.07 -27.02 13.93
CA ASP B 31 2.64 -28.41 13.86
C ASP B 31 2.50 -28.93 12.43
N ARG B 32 2.59 -28.03 11.43
CA ARG B 32 2.30 -28.46 10.04
C ARG B 32 3.31 -27.85 9.06
N TYR B 33 3.51 -26.53 9.08
CA TYR B 33 4.26 -25.79 8.04
C TYR B 33 5.64 -25.45 8.58
N GLU B 34 6.67 -26.04 8.01
CA GLU B 34 8.07 -25.73 8.40
C GLU B 34 8.55 -24.62 7.46
N ILE B 35 8.74 -23.41 7.98
CA ILE B 35 9.12 -22.23 7.16
C ILE B 35 10.57 -22.40 6.72
N ASP B 36 10.83 -22.30 5.42
CA ASP B 36 12.18 -22.43 4.81
C ASP B 36 12.81 -21.06 4.66
N SER B 37 12.13 -20.11 4.01
CA SER B 37 12.72 -18.85 3.51
C SER B 37 11.61 -17.88 3.07
N LEU B 38 11.96 -16.60 2.97
CA LEU B 38 11.10 -15.55 2.39
C LEU B 38 11.27 -15.61 0.87
N ILE B 39 10.18 -15.75 0.12
CA ILE B 39 10.18 -15.86 -1.38
C ILE B 39 10.05 -14.44 -1.91
N GLY B 40 9.36 -13.56 -1.18
CA GLY B 40 8.98 -12.26 -1.72
C GLY B 40 8.23 -11.41 -0.73
N LYS B 41 8.07 -10.14 -1.06
CA LYS B 41 7.50 -9.13 -0.16
C LYS B 41 7.00 -8.00 -1.04
N GLY B 42 5.70 -7.75 -1.06
CA GLY B 42 5.07 -6.66 -1.81
C GLY B 42 4.22 -5.81 -0.90
N SER B 43 3.38 -4.97 -1.52
CA SER B 43 2.45 -4.04 -0.83
C SER B 43 1.52 -4.86 0.06
N PHE B 44 1.04 -6.02 -0.44
CA PHE B 44 0.03 -6.90 0.20
C PHE B 44 0.55 -7.53 1.50
N GLY B 45 1.88 -7.65 1.67
CA GLY B 45 2.48 -8.45 2.77
C GLY B 45 3.67 -9.25 2.28
N GLN B 46 3.72 -10.56 2.56
CA GLN B 46 4.92 -11.41 2.39
C GLN B 46 4.53 -12.74 1.76
N VAL B 47 5.47 -13.40 1.10
CA VAL B 47 5.30 -14.81 0.64
C VAL B 47 6.49 -15.61 1.17
N VAL B 48 6.21 -16.75 1.81
CA VAL B 48 7.24 -17.66 2.33
C VAL B 48 7.07 -19.04 1.71
N LYS B 49 8.21 -19.71 1.58
CA LYS B 49 8.30 -21.10 1.11
C LYS B 49 8.24 -21.94 2.37
N ALA B 50 7.34 -22.89 2.41
CA ALA B 50 7.18 -23.73 3.62
C ALA B 50 6.95 -25.17 3.17
N TYR B 51 7.37 -26.11 4.02
CA TYR B 51 7.06 -27.54 3.80
C TYR B 51 5.83 -27.91 4.61
N ASP B 52 4.79 -28.35 3.89
CA ASP B 52 3.52 -28.91 4.43
C ASP B 52 3.77 -30.38 4.78
N ARG B 53 3.96 -30.68 6.05
CA ARG B 53 4.21 -32.08 6.51
C ARG B 53 3.00 -32.96 6.23
N VAL B 54 1.77 -32.43 6.23
CA VAL B 54 0.54 -33.25 6.06
C VAL B 54 0.47 -33.70 4.59
N GLU B 55 0.59 -32.79 3.64
CA GLU B 55 0.48 -33.16 2.21
C GLU B 55 1.85 -33.59 1.67
N GLN B 56 2.90 -33.51 2.47
CA GLN B 56 4.30 -33.82 2.07
C GLN B 56 4.65 -33.12 0.75
N GLU B 57 4.65 -31.79 0.78
CA GLU B 57 5.03 -31.01 -0.42
C GLU B 57 5.44 -29.61 0.04
N TRP B 58 6.27 -28.95 -0.76
CA TRP B 58 6.53 -27.51 -0.64
C TRP B 58 5.25 -26.75 -0.99
N VAL B 59 5.05 -25.63 -0.31
CA VAL B 59 3.92 -24.72 -0.62
C VAL B 59 4.47 -23.30 -0.57
N ALA B 60 3.79 -22.35 -1.18
CA ALA B 60 4.07 -20.91 -1.02
C ALA B 60 2.92 -20.37 -0.17
N ILE B 61 3.25 -19.71 0.93
CA ILE B 61 2.22 -19.08 1.77
C ILE B 61 2.28 -17.57 1.58
N LYS B 62 1.19 -17.00 1.07
CA LYS B 62 1.02 -15.54 1.03
C LYS B 62 0.39 -15.08 2.33
N ILE B 63 1.08 -14.21 3.03
CA ILE B 63 0.68 -13.63 4.34
C ILE B 63 0.21 -12.20 4.08
N ILE B 64 -1.06 -11.97 4.29
CA ILE B 64 -1.70 -10.65 4.05
C ILE B 64 -1.37 -9.76 5.25
N LYS B 65 -0.97 -8.52 5.05
CA LYS B 65 -0.73 -7.66 6.23
C LYS B 65 -2.03 -7.43 7.03
N ASN B 66 -1.88 -7.27 8.33
CA ASN B 66 -2.97 -7.05 9.29
C ASN B 66 -3.46 -5.60 9.17
N LYS B 67 -4.00 -5.21 8.00
CA LYS B 67 -4.59 -3.86 7.76
C LYS B 67 -5.89 -4.06 6.99
N LYS B 68 -6.98 -3.47 7.45
CA LYS B 68 -8.35 -3.78 6.98
C LYS B 68 -8.47 -3.71 5.45
N ALA B 69 -7.93 -2.70 4.77
CA ALA B 69 -8.08 -2.59 3.30
C ALA B 69 -7.45 -3.82 2.63
N PHE B 70 -6.30 -4.29 3.14
CA PHE B 70 -5.58 -5.44 2.51
C PHE B 70 -6.36 -6.70 2.83
N LEU B 71 -6.82 -6.84 4.07
CA LEU B 71 -7.66 -8.01 4.42
C LEU B 71 -8.94 -8.01 3.56
N ASN B 72 -9.62 -6.87 3.42
CA ASN B 72 -10.88 -6.81 2.62
C ASN B 72 -10.56 -7.27 1.19
N GLN B 73 -9.46 -6.81 0.60
CA GLN B 73 -9.16 -7.16 -0.82
C GLN B 73 -8.80 -8.66 -0.89
N ALA B 74 -8.10 -9.18 0.10
CA ALA B 74 -7.70 -10.60 0.13
C ALA B 74 -8.93 -11.50 0.27
N GLN B 75 -10.02 -11.02 0.86
CA GLN B 75 -11.29 -11.78 0.94
C GLN B 75 -11.89 -11.94 -0.47
N ILE B 76 -11.72 -10.93 -1.33
CA ILE B 76 -12.15 -11.04 -2.76
C ILE B 76 -11.26 -12.09 -3.46
N GLU B 77 -9.95 -12.01 -3.23
CA GLU B 77 -8.96 -12.92 -3.84
C GLU B 77 -9.35 -14.36 -3.49
N VAL B 78 -9.58 -14.66 -2.22
CA VAL B 78 -9.94 -16.03 -1.79
C VAL B 78 -11.22 -16.48 -2.49
N ARG B 79 -12.24 -15.61 -2.53
CA ARG B 79 -13.54 -15.94 -3.17
C ARG B 79 -13.31 -16.30 -4.64
N LEU B 80 -12.52 -15.52 -5.37
CA LEU B 80 -12.32 -15.77 -6.82
C LEU B 80 -11.46 -17.03 -7.00
N LEU B 81 -10.44 -17.23 -6.18
CA LEU B 81 -9.60 -18.46 -6.29
C LEU B 81 -10.49 -19.68 -6.00
N GLU B 82 -11.34 -19.62 -4.97
CA GLU B 82 -12.20 -20.79 -4.65
C GLU B 82 -13.18 -21.02 -5.79
N LEU B 83 -13.72 -19.95 -6.36
CA LEU B 83 -14.66 -20.05 -7.49
C LEU B 83 -13.95 -20.70 -8.68
N MET B 84 -12.72 -20.33 -8.99
CA MET B 84 -11.98 -20.94 -10.14
C MET B 84 -11.64 -22.43 -9.87
N ASN B 85 -11.12 -22.72 -8.68
CA ASN B 85 -10.76 -24.09 -8.21
C ASN B 85 -11.95 -25.04 -8.43
N LYS B 86 -13.15 -24.57 -8.08
CA LYS B 86 -14.44 -25.30 -8.11
C LYS B 86 -14.78 -25.65 -9.56
N HIS B 87 -14.39 -24.80 -10.51
CA HIS B 87 -14.68 -25.00 -11.96
C HIS B 87 -13.49 -25.66 -12.65
N ASP B 88 -12.42 -26.03 -11.92
CA ASP B 88 -11.17 -26.57 -12.53
C ASP B 88 -10.54 -27.61 -11.61
N THR B 89 -11.30 -28.63 -11.18
CA THR B 89 -10.84 -29.67 -10.19
C THR B 89 -9.73 -30.54 -10.82
N GLU B 90 -9.64 -30.62 -12.16
CA GLU B 90 -8.57 -31.36 -12.87
C GLU B 90 -7.28 -30.49 -12.96
N MET B 91 -7.35 -29.20 -12.61
CA MET B 91 -6.24 -28.23 -12.74
C MET B 91 -5.77 -28.22 -14.21
N LYS B 92 -6.70 -28.16 -15.16
CA LYS B 92 -6.44 -28.18 -16.64
C LYS B 92 -6.20 -26.76 -17.18
N TYR B 93 -6.49 -25.66 -16.46
CA TYR B 93 -6.64 -24.34 -17.15
C TYR B 93 -5.62 -23.30 -16.70
N TYR B 94 -4.47 -23.71 -16.18
CA TYR B 94 -3.30 -22.83 -16.15
C TYR B 94 -3.51 -21.75 -15.08
N ILE B 95 -4.31 -22.04 -14.05
CA ILE B 95 -4.55 -21.14 -12.88
C ILE B 95 -3.91 -21.76 -11.64
N VAL B 96 -3.14 -20.97 -10.88
CA VAL B 96 -2.58 -21.43 -9.59
C VAL B 96 -3.71 -21.98 -8.72
N HIS B 97 -3.43 -23.06 -8.02
CA HIS B 97 -4.40 -23.70 -7.09
C HIS B 97 -4.18 -23.05 -5.71
N LEU B 98 -5.21 -22.41 -5.19
CA LEU B 98 -5.29 -22.15 -3.73
C LEU B 98 -5.62 -23.45 -3.01
N LYS B 99 -4.71 -23.96 -2.17
CA LYS B 99 -4.90 -25.25 -1.47
C LYS B 99 -5.84 -25.02 -0.30
N ARG B 100 -5.61 -23.98 0.47
CA ARG B 100 -6.44 -23.62 1.64
C ARG B 100 -5.98 -22.24 2.14
N HIS B 101 -6.75 -21.70 3.06
CA HIS B 101 -6.41 -20.45 3.77
C HIS B 101 -6.72 -20.61 5.24
N PHE B 102 -6.09 -19.77 6.06
CA PHE B 102 -6.39 -19.75 7.50
C PHE B 102 -5.90 -18.42 8.07
N MET B 103 -6.34 -18.17 9.30
CA MET B 103 -5.84 -17.08 10.16
C MET B 103 -4.74 -17.65 11.05
N PHE B 104 -3.63 -16.93 11.12
CA PHE B 104 -2.50 -17.26 11.99
C PHE B 104 -1.86 -15.95 12.45
N ARG B 105 -1.76 -15.76 13.77
CA ARG B 105 -1.09 -14.57 14.37
C ARG B 105 -1.77 -13.30 13.82
N ASN B 106 -3.08 -13.33 13.68
CA ASN B 106 -3.98 -12.23 13.18
C ASN B 106 -3.71 -11.84 11.74
N HIS B 107 -3.09 -12.72 10.94
CA HIS B 107 -2.93 -12.52 9.48
C HIS B 107 -3.71 -13.59 8.73
N LEU B 108 -4.39 -13.21 7.66
CA LEU B 108 -4.93 -14.16 6.69
C LEU B 108 -3.77 -14.75 5.88
N CYS B 109 -3.69 -16.05 5.81
CA CYS B 109 -2.64 -16.81 5.10
C CYS B 109 -3.30 -17.62 3.99
N LEU B 110 -2.82 -17.46 2.77
CA LEU B 110 -3.25 -18.24 1.62
C LEU B 110 -2.13 -19.21 1.23
N VAL B 111 -2.48 -20.47 1.09
CA VAL B 111 -1.52 -21.55 0.76
C VAL B 111 -1.67 -21.96 -0.69
N PHE B 112 -0.60 -21.81 -1.45
CA PHE B 112 -0.57 -22.12 -2.88
C PHE B 112 0.39 -23.27 -3.12
N GLU B 113 0.19 -23.96 -4.23
CA GLU B 113 1.22 -24.83 -4.81
C GLU B 113 2.47 -23.99 -5.04
N MET B 114 3.63 -24.58 -4.76
CA MET B 114 4.97 -24.03 -5.02
C MET B 114 5.22 -24.23 -6.51
N LEU B 115 5.37 -23.16 -7.29
CA LEU B 115 5.67 -23.33 -8.74
C LEU B 115 7.13 -22.96 -8.95
N SER B 116 7.60 -23.06 -10.20
CA SER B 116 9.01 -22.78 -10.58
C SER B 116 9.19 -21.27 -10.85
N TYR B 117 10.22 -20.87 -11.59
CA TYR B 117 10.54 -19.44 -11.76
C TYR B 117 9.53 -18.84 -12.77
N ASN B 118 9.56 -17.53 -12.92
CA ASN B 118 8.51 -16.82 -13.70
C ASN B 118 9.06 -16.48 -15.08
N LEU B 119 8.22 -15.97 -15.97
CA LEU B 119 8.65 -15.65 -17.36
C LEU B 119 9.68 -14.54 -17.39
N TYR B 120 9.72 -13.62 -16.43
CA TYR B 120 10.77 -12.58 -16.41
C TYR B 120 12.13 -13.23 -16.09
N ASP B 121 12.17 -14.16 -15.16
CA ASP B 121 13.41 -14.94 -14.84
C ASP B 121 13.90 -15.63 -16.12
N LEU B 122 12.98 -16.22 -16.87
CA LEU B 122 13.31 -16.88 -18.14
C LEU B 122 13.92 -15.86 -19.09
N LEU B 123 13.29 -14.69 -19.25
CA LEU B 123 13.86 -13.63 -20.10
C LEU B 123 15.26 -13.26 -19.62
N ARG B 124 15.47 -13.06 -18.30
CA ARG B 124 16.81 -12.67 -17.78
C ARG B 124 17.83 -13.75 -18.22
N ASN B 125 17.45 -15.03 -18.14
CA ASN B 125 18.33 -16.18 -18.52
C ASN B 125 18.63 -16.19 -20.04
N THR B 126 17.90 -15.44 -20.87
CA THR B 126 18.26 -15.28 -22.32
C THR B 126 19.16 -14.05 -22.48
N ASN B 127 19.56 -13.36 -21.40
CA ASN B 127 20.24 -12.03 -21.45
CA ASN B 127 20.25 -12.05 -21.46
C ASN B 127 19.35 -11.04 -22.21
N PHE B 128 18.04 -11.18 -22.05
CA PHE B 128 17.02 -10.29 -22.64
C PHE B 128 17.08 -10.32 -24.16
N ARG B 129 17.33 -11.49 -24.73
CA ARG B 129 17.41 -11.62 -26.20
C ARG B 129 16.10 -12.20 -26.70
N GLY B 130 15.29 -12.72 -25.80
CA GLY B 130 13.96 -13.29 -26.08
C GLY B 130 14.02 -14.78 -26.31
N VAL B 131 12.87 -15.41 -26.20
CA VAL B 131 12.71 -16.87 -26.47
C VAL B 131 12.27 -16.99 -27.91
N SER B 132 12.33 -18.20 -28.46
CA SER B 132 11.95 -18.48 -29.86
C SER B 132 10.48 -18.17 -30.07
N LEU B 133 10.14 -17.95 -31.32
CA LEU B 133 8.74 -17.80 -31.76
C LEU B 133 7.97 -19.08 -31.43
N ASN B 134 8.63 -20.24 -31.42
CA ASN B 134 7.93 -21.51 -31.13
C ASN B 134 7.59 -21.61 -29.65
N LEU B 135 8.48 -21.20 -28.74
CA LEU B 135 8.17 -21.22 -27.29
C LEU B 135 7.15 -20.09 -26.98
N THR B 136 7.28 -18.96 -27.64
CA THR B 136 6.34 -17.82 -27.53
C THR B 136 4.94 -18.36 -27.87
N ARG B 137 4.81 -19.09 -28.97
CA ARG B 137 3.51 -19.71 -29.35
C ARG B 137 2.95 -20.62 -28.25
N LYS B 138 3.76 -21.46 -27.61
CA LYS B 138 3.27 -22.35 -26.54
C LYS B 138 2.77 -21.52 -25.35
N PHE B 139 3.51 -20.50 -24.95
CA PHE B 139 3.05 -19.60 -23.85
C PHE B 139 1.74 -18.95 -24.27
N ALA B 140 1.69 -18.43 -25.50
CA ALA B 140 0.51 -17.67 -25.98
C ALA B 140 -0.70 -18.58 -25.99
N GLN B 141 -0.52 -19.84 -26.45
CA GLN B 141 -1.67 -20.76 -26.51
C GLN B 141 -2.20 -21.05 -25.10
N GLN B 142 -1.32 -21.33 -24.13
CA GLN B 142 -1.75 -21.61 -22.73
C GLN B 142 -2.42 -20.36 -22.15
N MET B 143 -1.84 -19.17 -22.34
CA MET B 143 -2.47 -17.93 -21.80
C MET B 143 -3.84 -17.66 -22.43
N CYS B 144 -4.01 -17.84 -23.75
CA CYS B 144 -5.35 -17.66 -24.36
C CYS B 144 -6.33 -18.67 -23.78
N THR B 145 -5.90 -19.89 -23.47
CA THR B 145 -6.77 -20.91 -22.87
C THR B 145 -7.16 -20.46 -21.44
N ALA B 146 -6.20 -19.92 -20.67
CA ALA B 146 -6.47 -19.41 -19.31
C ALA B 146 -7.51 -18.29 -19.40
N LEU B 147 -7.31 -17.35 -20.33
CA LEU B 147 -8.23 -16.20 -20.48
C LEU B 147 -9.61 -16.71 -20.92
N LEU B 148 -9.66 -17.77 -21.75
CA LEU B 148 -10.97 -18.32 -22.14
C LEU B 148 -11.66 -18.82 -20.87
N PHE B 149 -10.91 -19.49 -19.99
CA PHE B 149 -11.44 -20.05 -18.74
C PHE B 149 -12.01 -18.90 -17.90
N LEU B 150 -11.24 -17.83 -17.72
CA LEU B 150 -11.71 -16.69 -16.88
C LEU B 150 -12.96 -16.06 -17.50
N ALA B 151 -13.11 -16.13 -18.81
CA ALA B 151 -14.24 -15.52 -19.54
C ALA B 151 -15.50 -16.38 -19.40
N THR B 152 -15.40 -17.59 -18.85
CA THR B 152 -16.59 -18.43 -18.54
C THR B 152 -17.62 -17.56 -17.86
N PRO B 153 -18.90 -17.52 -18.31
CA PRO B 153 -19.88 -16.58 -17.74
C PRO B 153 -19.98 -16.60 -16.20
N GLU B 154 -19.98 -17.80 -15.62
CA GLU B 154 -20.11 -17.99 -14.15
C GLU B 154 -18.87 -17.44 -13.46
N LEU B 155 -17.73 -17.36 -14.15
CA LEU B 155 -16.54 -16.74 -13.54
C LEU B 155 -16.51 -15.24 -13.90
N SER B 156 -16.27 -14.91 -15.17
CA SER B 156 -16.22 -13.49 -15.63
C SER B 156 -15.17 -12.74 -14.80
N ILE B 157 -14.01 -13.38 -14.64
CA ILE B 157 -12.90 -12.82 -13.82
C ILE B 157 -11.95 -12.00 -14.69
N ILE B 158 -11.69 -10.76 -14.26
CA ILE B 158 -10.60 -9.92 -14.83
C ILE B 158 -9.39 -10.10 -13.92
N HIS B 159 -8.24 -10.59 -14.42
CA HIS B 159 -7.03 -10.77 -13.57
C HIS B 159 -6.51 -9.40 -13.05
N CYS B 160 -6.39 -8.43 -13.98
CA CYS B 160 -6.04 -6.99 -13.74
C CYS B 160 -4.54 -6.81 -13.45
N ASP B 161 -3.72 -7.85 -13.47
CA ASP B 161 -2.29 -7.60 -13.24
C ASP B 161 -1.44 -8.61 -13.99
N LEU B 162 -1.76 -8.86 -15.26
CA LEU B 162 -0.93 -9.85 -15.99
C LEU B 162 0.38 -9.15 -16.36
N LYS B 163 1.48 -9.85 -16.16
CA LYS B 163 2.84 -9.40 -16.50
C LYS B 163 3.74 -10.64 -16.43
N PRO B 164 4.94 -10.61 -17.04
CA PRO B 164 5.80 -11.79 -17.05
C PRO B 164 6.02 -12.36 -15.63
N GLU B 165 6.14 -11.48 -14.62
CA GLU B 165 6.37 -11.91 -13.20
C GLU B 165 5.22 -12.76 -12.65
N ASN B 166 4.00 -12.62 -13.18
CA ASN B 166 2.81 -13.33 -12.68
C ASN B 166 2.49 -14.53 -13.55
N ILE B 167 3.43 -14.97 -14.41
CA ILE B 167 3.27 -16.19 -15.21
C ILE B 167 4.43 -17.12 -14.83
N LEU B 168 4.14 -18.24 -14.19
CA LEU B 168 5.18 -19.13 -13.61
C LEU B 168 5.26 -20.42 -14.40
N LEU B 169 6.49 -20.91 -14.55
CA LEU B 169 6.74 -22.26 -15.10
C LEU B 169 6.35 -23.30 -14.04
N CYS B 170 5.57 -24.33 -14.42
CA CYS B 170 5.21 -25.49 -13.54
C CYS B 170 6.47 -26.24 -13.10
N ASN B 171 7.44 -26.33 -14.00
CA ASN B 171 8.67 -27.15 -13.86
C ASN B 171 9.70 -26.47 -14.76
N PRO B 172 10.95 -26.32 -14.32
CA PRO B 172 11.87 -25.44 -15.04
C PRO B 172 12.33 -26.04 -16.39
N LYS B 173 12.11 -27.35 -16.60
CA LYS B 173 12.53 -28.07 -17.84
C LYS B 173 11.36 -28.21 -18.83
N ARG B 174 10.21 -27.56 -18.58
CA ARG B 174 9.03 -27.69 -19.48
C ARG B 174 8.38 -26.32 -19.69
N SER B 175 7.53 -26.23 -20.71
CA SER B 175 6.90 -24.95 -21.14
C SER B 175 5.53 -24.78 -20.49
N ALA B 176 5.10 -25.67 -19.60
CA ALA B 176 3.78 -25.59 -18.94
C ALA B 176 3.82 -24.36 -18.04
N ILE B 177 2.76 -23.54 -18.09
CA ILE B 177 2.69 -22.33 -17.25
C ILE B 177 1.39 -22.30 -16.46
N LYS B 178 1.40 -21.50 -15.40
CA LYS B 178 0.22 -21.20 -14.57
C LYS B 178 0.22 -19.70 -14.28
N ILE B 179 -0.95 -19.11 -14.24
CA ILE B 179 -1.09 -17.65 -13.91
C ILE B 179 -1.23 -17.57 -12.39
N VAL B 180 -0.51 -16.65 -11.76
CA VAL B 180 -0.55 -16.43 -10.29
C VAL B 180 -1.04 -14.99 -10.02
N ASP B 181 -1.34 -14.72 -8.76
CA ASP B 181 -1.58 -13.37 -8.20
C ASP B 181 -2.87 -12.73 -8.74
N PHE B 182 -3.96 -13.18 -8.15
CA PHE B 182 -5.32 -12.64 -8.35
C PHE B 182 -5.60 -11.60 -7.25
N GLY B 183 -4.54 -11.00 -6.69
CA GLY B 183 -4.69 -10.10 -5.53
C GLY B 183 -5.36 -8.80 -5.91
N SER B 184 -5.44 -8.43 -7.19
CA SER B 184 -6.20 -7.23 -7.57
C SER B 184 -7.33 -7.56 -8.56
N SER B 185 -7.70 -8.83 -8.67
CA SER B 185 -8.73 -9.31 -9.63
C SER B 185 -10.13 -8.89 -9.17
N CYS B 186 -11.02 -8.75 -10.12
CA CYS B 186 -12.45 -8.45 -9.87
C CYS B 186 -13.26 -9.19 -10.91
N GLN B 187 -14.54 -9.36 -10.63
CA GLN B 187 -15.47 -9.89 -11.62
C GLN B 187 -16.04 -8.71 -12.42
N LEU B 188 -16.42 -9.01 -13.65
CA LEU B 188 -17.09 -8.08 -14.56
C LEU B 188 -18.26 -7.44 -13.80
N GLY B 189 -18.33 -6.12 -13.83
CA GLY B 189 -19.42 -5.40 -13.13
C GLY B 189 -19.10 -5.12 -11.69
N GLN B 190 -17.89 -5.49 -11.19
CA GLN B 190 -17.47 -5.18 -9.80
C GLN B 190 -16.13 -4.41 -9.80
N ARG B 191 -15.91 -3.54 -10.75
CA ARG B 191 -14.76 -2.58 -10.79
C ARG B 191 -14.80 -1.69 -9.56
N ILE B 192 -13.72 -1.66 -8.78
CA ILE B 192 -13.57 -0.84 -7.56
C ILE B 192 -12.34 0.07 -7.63
N TYR B 193 -11.39 -0.20 -8.53
CA TYR B 193 -10.13 0.57 -8.67
C TYR B 193 -10.08 1.18 -10.05
N GLN B 194 -9.92 2.48 -10.10
CA GLN B 194 -9.70 3.22 -11.34
C GLN B 194 -8.29 2.94 -11.81
N PTR B 195 -7.37 2.81 -10.84
CA PTR B 195 -5.96 2.73 -11.15
C PTR B 195 -5.54 1.28 -10.93
O PTR B 195 -5.56 0.79 -9.81
CB PTR B 195 -5.15 3.68 -10.28
CG PTR B 195 -3.70 3.75 -10.68
CD1 PTR B 195 -2.77 2.89 -10.11
CD2 PTR B 195 -3.26 4.66 -11.64
CE1 PTR B 195 -1.43 2.95 -10.46
CE2 PTR B 195 -1.93 4.72 -12.01
CZ PTR B 195 -1.03 3.88 -11.40
OH PTR B 195 0.30 4.00 -11.82
P PTR B 195 1.51 3.34 -11.12
O1P PTR B 195 1.44 3.60 -9.61
O2P PTR B 195 1.62 1.90 -11.39
O3P PTR B 195 2.52 4.12 -11.79
N ILE B 196 -5.27 0.55 -12.02
CA ILE B 196 -5.00 -0.86 -11.90
C ILE B 196 -4.09 -1.29 -13.06
N GLN B 197 -3.52 -2.50 -12.97
CA GLN B 197 -2.59 -3.10 -13.95
C GLN B 197 -1.17 -2.53 -13.74
N SER B 198 -0.13 -3.32 -13.95
CA SER B 198 1.27 -2.82 -13.89
C SER B 198 1.48 -1.94 -15.10
N ARG B 199 2.16 -0.81 -14.93
CA ARG B 199 2.15 0.30 -15.91
C ARG B 199 2.50 -0.18 -17.32
N PHE B 200 3.53 -1.01 -17.52
CA PHE B 200 3.97 -1.36 -18.89
C PHE B 200 2.89 -2.17 -19.62
N TYR B 201 1.97 -2.83 -18.87
CA TYR B 201 0.97 -3.81 -19.36
C TYR B 201 -0.44 -3.21 -19.21
N ARG B 202 -0.48 -1.91 -18.95
CA ARG B 202 -1.74 -1.20 -18.65
C ARG B 202 -2.45 -0.81 -19.94
N SER B 203 -3.73 -1.19 -20.04
CA SER B 203 -4.56 -0.93 -21.24
C SER B 203 -4.84 0.55 -21.42
N PRO B 204 -5.11 1.01 -22.66
CA PRO B 204 -5.46 2.40 -22.89
C PRO B 204 -6.76 2.79 -22.18
N GLU B 205 -7.70 1.87 -22.08
CA GLU B 205 -8.98 2.23 -21.39
C GLU B 205 -8.67 2.58 -19.93
N VAL B 206 -7.73 1.87 -19.28
CA VAL B 206 -7.39 2.11 -17.86
C VAL B 206 -6.61 3.40 -17.78
N LEU B 207 -5.65 3.62 -18.70
CA LEU B 207 -4.89 4.89 -18.71
C LEU B 207 -5.86 6.07 -18.86
N LEU B 208 -6.91 5.93 -19.66
CA LEU B 208 -7.90 7.00 -19.93
C LEU B 208 -8.96 7.09 -18.81
N GLY B 209 -8.90 6.29 -17.77
CA GLY B 209 -9.85 6.35 -16.64
C GLY B 209 -11.23 5.85 -17.00
N MET B 210 -11.34 4.97 -17.98
CA MET B 210 -12.62 4.47 -18.50
C MET B 210 -13.02 3.20 -17.73
N PRO B 211 -14.31 2.81 -17.78
CA PRO B 211 -14.76 1.54 -17.23
C PRO B 211 -14.02 0.46 -18.04
N TYR B 212 -13.83 -0.71 -17.46
CA TYR B 212 -13.04 -1.78 -18.12
C TYR B 212 -13.71 -3.13 -17.90
N ASP B 213 -13.33 -4.07 -18.75
CA ASP B 213 -13.88 -5.44 -18.72
C ASP B 213 -12.75 -6.45 -19.00
N LEU B 214 -13.07 -7.69 -19.37
CA LEU B 214 -12.00 -8.72 -19.46
C LEU B 214 -11.01 -8.40 -20.60
N ALA B 215 -11.33 -7.49 -21.51
CA ALA B 215 -10.41 -7.15 -22.61
C ALA B 215 -9.09 -6.53 -22.09
N ILE B 216 -9.04 -5.96 -20.88
CA ILE B 216 -7.76 -5.37 -20.39
C ILE B 216 -6.70 -6.47 -20.25
N ASP B 217 -7.10 -7.71 -20.00
CA ASP B 217 -6.16 -8.85 -19.81
C ASP B 217 -5.59 -9.25 -21.19
N MET B 218 -6.36 -9.10 -22.25
CA MET B 218 -5.91 -9.45 -23.62
C MET B 218 -4.88 -8.40 -24.07
N TRP B 219 -5.10 -7.14 -23.72
CA TRP B 219 -4.12 -6.06 -23.96
C TRP B 219 -2.80 -6.43 -23.26
N SER B 220 -2.82 -6.76 -21.98
CA SER B 220 -1.57 -7.15 -21.26
C SER B 220 -0.88 -8.32 -21.96
N LEU B 221 -1.70 -9.29 -22.38
CA LEU B 221 -1.16 -10.52 -23.02
C LEU B 221 -0.44 -10.13 -24.32
N GLY B 222 -1.01 -9.27 -25.17
CA GLY B 222 -0.29 -8.77 -26.35
C GLY B 222 1.09 -8.21 -25.99
N CYS B 223 1.14 -7.34 -24.98
CA CYS B 223 2.39 -6.69 -24.52
C CYS B 223 3.37 -7.80 -24.09
N ILE B 224 2.90 -8.77 -23.31
CA ILE B 224 3.75 -9.85 -22.69
C ILE B 224 4.36 -10.68 -23.83
N LEU B 225 3.56 -11.07 -24.80
CA LEU B 225 4.04 -11.99 -25.88
C LEU B 225 5.13 -11.30 -26.71
N VAL B 226 5.02 -9.99 -27.01
CA VAL B 226 6.07 -9.23 -27.75
C VAL B 226 7.36 -9.22 -26.93
N GLU B 227 7.26 -8.88 -25.65
CA GLU B 227 8.42 -8.88 -24.75
C GLU B 227 9.03 -10.29 -24.67
N MET B 228 8.24 -11.35 -24.60
CA MET B 228 8.82 -12.71 -24.47
C MET B 228 9.68 -13.03 -25.70
N HIS B 229 9.29 -12.58 -26.88
CA HIS B 229 10.05 -12.85 -28.12
C HIS B 229 11.20 -11.85 -28.33
N THR B 230 11.04 -10.55 -28.01
CA THR B 230 12.07 -9.50 -28.23
C THR B 230 13.04 -9.39 -27.05
N GLY B 231 12.63 -9.78 -25.85
CA GLY B 231 13.37 -9.66 -24.58
C GLY B 231 13.16 -8.34 -23.86
N GLU B 232 12.46 -7.38 -24.49
CA GLU B 232 12.31 -6.00 -23.99
C GLU B 232 10.83 -5.66 -23.87
N PRO B 233 10.42 -4.84 -22.89
CA PRO B 233 9.02 -4.42 -22.83
C PRO B 233 8.66 -3.68 -24.12
N LEU B 234 7.46 -3.91 -24.62
CA LEU B 234 6.97 -3.18 -25.81
C LEU B 234 6.78 -1.68 -25.47
N PHE B 235 6.11 -1.39 -24.35
CA PHE B 235 5.82 0.00 -23.94
C PHE B 235 6.36 0.24 -22.52
N SER B 236 7.55 0.83 -22.37
CA SER B 236 8.20 0.92 -21.04
C SER B 236 8.08 2.36 -20.55
N GLY B 237 6.88 2.80 -20.20
CA GLY B 237 6.66 4.17 -19.70
C GLY B 237 7.16 4.34 -18.26
N ALA B 238 7.68 5.51 -17.98
CA ALA B 238 8.20 5.95 -16.67
C ALA B 238 7.06 6.49 -15.80
N ASN B 239 5.92 6.76 -16.42
CA ASN B 239 4.73 7.32 -15.75
C ASN B 239 3.58 7.22 -16.76
N GLU B 240 2.36 7.61 -16.39
CA GLU B 240 1.20 7.28 -17.25
C GLU B 240 1.25 8.10 -18.53
N VAL B 241 1.74 9.34 -18.47
CA VAL B 241 1.84 10.17 -19.70
C VAL B 241 2.88 9.56 -20.66
N ASP B 242 4.02 9.12 -20.14
CA ASP B 242 5.07 8.48 -20.97
C ASP B 242 4.51 7.14 -21.45
N GLN B 243 3.78 6.40 -20.63
CA GLN B 243 3.17 5.13 -21.08
C GLN B 243 2.26 5.38 -22.29
N MET B 244 1.34 6.35 -22.20
CA MET B 244 0.40 6.56 -23.33
C MET B 244 1.16 7.01 -24.58
N ASN B 245 2.14 7.87 -24.41
CA ASN B 245 3.00 8.35 -25.52
C ASN B 245 3.74 7.19 -26.20
N LYS B 246 4.27 6.24 -25.42
CA LYS B 246 4.94 5.04 -25.99
C LYS B 246 3.95 4.13 -26.73
N ILE B 247 2.71 4.04 -26.25
CA ILE B 247 1.65 3.31 -26.98
C ILE B 247 1.40 4.02 -28.32
N VAL B 248 1.26 5.33 -28.30
CA VAL B 248 0.89 6.12 -29.48
C VAL B 248 2.03 6.04 -30.51
N GLU B 249 3.30 5.99 -30.09
CA GLU B 249 4.43 5.76 -31.06
C GLU B 249 4.15 4.56 -31.95
N VAL B 250 3.62 3.48 -31.39
CA VAL B 250 3.43 2.22 -32.13
C VAL B 250 2.09 2.24 -32.82
N LEU B 251 1.02 2.69 -32.17
CA LEU B 251 -0.35 2.34 -32.61
C LEU B 251 -1.12 3.57 -33.12
N GLY B 252 -0.56 4.75 -33.00
CA GLY B 252 -1.18 5.99 -33.50
C GLY B 252 -2.11 6.59 -32.45
N ILE B 253 -2.78 7.69 -32.81
CA ILE B 253 -3.81 8.36 -31.96
C ILE B 253 -4.97 7.41 -31.77
N PRO B 254 -5.46 7.19 -30.53
CA PRO B 254 -6.59 6.31 -30.29
C PRO B 254 -7.79 6.86 -31.08
N PRO B 255 -8.78 6.04 -31.45
CA PRO B 255 -9.99 6.49 -32.15
C PRO B 255 -10.78 7.58 -31.41
N ALA B 256 -11.30 8.55 -32.17
CA ALA B 256 -12.04 9.69 -31.61
C ALA B 256 -13.21 9.21 -30.75
N HIS B 257 -13.91 8.15 -31.17
CA HIS B 257 -15.12 7.69 -30.45
C HIS B 257 -14.74 7.29 -29.01
N ILE B 258 -13.49 6.82 -28.82
CA ILE B 258 -12.96 6.42 -27.49
C ILE B 258 -12.56 7.68 -26.73
N LEU B 259 -11.74 8.56 -27.31
CA LEU B 259 -11.27 9.76 -26.57
C LEU B 259 -12.46 10.67 -26.22
N ASP B 260 -13.48 10.70 -27.08
CA ASP B 260 -14.70 11.52 -26.85
C ASP B 260 -15.40 11.13 -25.53
N GLN B 261 -15.30 9.88 -25.08
CA GLN B 261 -16.02 9.41 -23.88
C GLN B 261 -15.04 9.25 -22.70
N ALA B 262 -13.75 9.51 -22.89
CA ALA B 262 -12.70 9.17 -21.89
C ALA B 262 -12.58 10.25 -20.84
N PRO B 263 -12.75 9.96 -19.54
CA PRO B 263 -12.61 11.00 -18.54
C PRO B 263 -11.23 11.68 -18.56
N LYS B 264 -10.16 10.94 -18.87
CA LYS B 264 -8.78 11.48 -18.77
C LYS B 264 -8.19 11.79 -20.17
N ALA B 265 -9.00 11.96 -21.22
CA ALA B 265 -8.47 12.24 -22.56
C ALA B 265 -7.55 13.46 -22.49
N ARG B 266 -7.90 14.48 -21.72
CA ARG B 266 -7.20 15.80 -21.73
C ARG B 266 -5.93 15.73 -20.93
N LYS B 267 -5.67 14.60 -20.29
CA LYS B 267 -4.35 14.40 -19.64
C LYS B 267 -3.32 14.19 -20.74
N PHE B 268 -3.70 13.63 -21.89
CA PHE B 268 -2.71 13.17 -22.89
C PHE B 268 -2.96 13.82 -24.25
N PHE B 269 -4.21 14.19 -24.55
CA PHE B 269 -4.63 14.64 -25.90
C PHE B 269 -5.31 16.00 -25.79
N GLU B 270 -5.44 16.67 -26.93
CA GLU B 270 -6.26 17.90 -27.04
C GLU B 270 -7.09 17.83 -28.33
N LYS B 271 -8.31 18.35 -28.28
CA LYS B 271 -9.31 18.35 -29.38
C LYS B 271 -9.15 19.65 -30.17
N LEU B 272 -9.12 19.54 -31.50
CA LEU B 272 -8.99 20.72 -32.39
C LEU B 272 -10.38 21.03 -32.93
N PRO B 273 -10.53 22.21 -33.58
CA PRO B 273 -11.79 22.59 -34.22
C PRO B 273 -12.53 21.47 -34.98
N ASP B 274 -11.76 20.61 -35.66
CA ASP B 274 -12.22 19.64 -36.69
C ASP B 274 -12.91 18.44 -36.03
N GLY B 275 -12.86 18.33 -34.69
CA GLY B 275 -13.39 17.18 -33.95
C GLY B 275 -12.35 16.08 -33.87
N THR B 276 -11.10 16.41 -34.25
CA THR B 276 -9.97 15.44 -34.27
C THR B 276 -9.01 15.71 -33.10
N TRP B 277 -8.41 14.65 -32.59
CA TRP B 277 -7.57 14.72 -31.40
C TRP B 277 -6.10 14.66 -31.80
N ASN B 278 -5.24 15.36 -31.13
CA ASN B 278 -3.83 14.89 -31.17
C ASN B 278 -3.15 15.08 -29.84
N LEU B 279 -1.86 14.73 -29.76
CA LEU B 279 -1.09 14.76 -28.49
C LEU B 279 -1.01 16.20 -28.02
N LYS B 280 -1.03 16.43 -26.71
CA LYS B 280 -0.75 17.75 -26.07
C LYS B 280 0.60 18.31 -26.52
N LYS B 281 0.73 19.62 -26.80
CA LYS B 281 1.92 20.24 -27.49
C LYS B 281 3.21 20.04 -26.70
N GLU B 288 10.67 14.20 -26.36
CA GLU B 288 10.57 13.94 -27.82
C GLU B 288 10.19 12.47 -28.05
N TYR B 289 9.12 12.22 -28.80
CA TYR B 289 8.63 10.87 -29.17
C TYR B 289 8.71 10.74 -30.68
N LYS B 290 8.80 9.53 -31.18
CA LYS B 290 8.57 9.23 -32.61
C LYS B 290 7.15 9.63 -32.95
N PRO B 291 6.89 10.21 -34.14
CA PRO B 291 5.52 10.56 -34.55
C PRO B 291 4.54 9.41 -34.44
N PRO B 292 3.24 9.70 -34.18
CA PRO B 292 2.24 8.65 -33.94
C PRO B 292 2.20 7.58 -35.03
N GLY B 293 2.36 6.32 -34.63
CA GLY B 293 2.16 5.16 -35.53
C GLY B 293 3.41 4.86 -36.35
N THR B 294 4.53 5.53 -36.11
CA THR B 294 5.76 5.31 -36.94
C THR B 294 6.69 4.26 -36.32
N ARG B 295 6.45 3.83 -35.07
CA ARG B 295 7.32 2.79 -34.45
C ARG B 295 6.61 1.46 -34.72
N LYS B 296 6.74 0.93 -35.94
CA LYS B 296 5.83 -0.15 -36.42
C LYS B 296 6.15 -1.44 -35.69
N LEU B 297 5.12 -2.16 -35.25
CA LEU B 297 5.35 -3.49 -34.66
C LEU B 297 6.08 -4.38 -35.68
N HIS B 298 5.82 -4.18 -36.96
CA HIS B 298 6.48 -4.90 -38.10
C HIS B 298 7.99 -4.86 -37.92
N ASN B 299 8.53 -3.71 -37.54
CA ASN B 299 9.99 -3.52 -37.37
C ASN B 299 10.44 -3.96 -35.99
N ILE B 300 9.63 -3.75 -34.95
CA ILE B 300 10.02 -4.18 -33.58
C ILE B 300 10.25 -5.69 -33.59
N LEU B 301 9.36 -6.41 -34.26
CA LEU B 301 9.42 -7.89 -34.27
C LEU B 301 10.51 -8.37 -35.26
N GLY B 302 10.85 -7.53 -36.24
CA GLY B 302 11.83 -7.87 -37.31
C GLY B 302 11.24 -8.85 -38.29
N VAL B 303 9.97 -8.63 -38.65
CA VAL B 303 9.19 -9.55 -39.50
C VAL B 303 10.01 -9.89 -40.76
N GLU B 304 10.66 -8.91 -41.37
CA GLU B 304 11.36 -9.10 -42.70
C GLU B 304 12.87 -8.98 -42.53
N THR B 305 13.35 -8.82 -41.30
CA THR B 305 14.76 -8.53 -41.02
C THR B 305 15.31 -9.52 -40.01
N GLY B 306 14.81 -10.75 -40.04
CA GLY B 306 15.38 -11.90 -39.34
C GLY B 306 15.03 -11.86 -37.87
N GLY B 307 13.87 -11.30 -37.54
CA GLY B 307 13.40 -11.28 -36.16
C GLY B 307 14.15 -10.26 -35.31
N PRO B 308 13.91 -10.27 -33.98
CA PRO B 308 14.50 -9.30 -33.08
C PRO B 308 16.03 -9.28 -33.20
N GLY B 309 16.58 -8.10 -33.49
CA GLY B 309 18.01 -7.83 -33.70
C GLY B 309 18.56 -8.64 -34.87
N GLY B 310 17.70 -9.11 -35.79
CA GLY B 310 18.14 -9.85 -36.99
C GLY B 310 18.74 -11.21 -36.69
N ARG B 311 18.54 -11.75 -35.49
CA ARG B 311 19.21 -12.96 -34.97
C ARG B 311 18.51 -14.25 -35.43
N ARG B 312 17.25 -14.22 -35.85
CA ARG B 312 16.47 -15.47 -36.05
C ARG B 312 16.39 -15.86 -37.53
N ALA B 313 16.84 -15.05 -38.51
CA ALA B 313 16.84 -15.48 -39.96
C ALA B 313 17.48 -16.87 -40.06
N GLY B 314 16.81 -17.81 -40.73
CA GLY B 314 17.33 -19.16 -40.90
C GLY B 314 16.76 -20.12 -39.86
N GLU B 315 16.26 -19.67 -38.71
CA GLU B 315 15.79 -20.66 -37.70
C GLU B 315 14.49 -21.33 -38.17
N SER B 316 14.30 -22.62 -37.88
CA SER B 316 13.03 -23.34 -38.13
C SER B 316 11.88 -22.49 -37.56
N GLY B 317 10.83 -22.28 -38.34
CA GLY B 317 9.58 -21.66 -37.87
C GLY B 317 9.73 -20.16 -37.65
N HIS B 318 10.80 -19.54 -38.16
CA HIS B 318 11.06 -18.08 -38.05
C HIS B 318 11.00 -17.42 -39.43
N THR B 319 10.13 -17.90 -40.30
CA THR B 319 10.06 -17.36 -41.67
C THR B 319 9.24 -16.08 -41.62
N VAL B 320 9.29 -15.32 -42.70
CA VAL B 320 8.44 -14.10 -42.85
C VAL B 320 6.96 -14.47 -42.64
N ALA B 321 6.48 -15.56 -43.23
CA ALA B 321 5.09 -16.02 -43.09
C ALA B 321 4.76 -16.30 -41.61
N ASP B 322 5.69 -16.92 -40.89
CA ASP B 322 5.50 -17.21 -39.44
C ASP B 322 5.31 -15.88 -38.71
N TYR B 323 6.17 -14.90 -38.96
CA TYR B 323 6.16 -13.60 -38.25
C TYR B 323 4.88 -12.82 -38.62
N LEU B 324 4.45 -12.86 -39.88
CA LEU B 324 3.25 -12.09 -40.27
C LEU B 324 2.06 -12.61 -39.47
N LYS B 325 2.00 -13.91 -39.18
CA LYS B 325 0.84 -14.43 -38.43
C LYS B 325 0.92 -13.96 -36.96
N PHE B 326 2.11 -14.01 -36.40
CA PHE B 326 2.36 -13.49 -35.04
C PHE B 326 1.97 -12.01 -34.99
N LYS B 327 2.52 -11.18 -35.87
CA LYS B 327 2.21 -9.74 -35.92
C LYS B 327 0.69 -9.52 -35.99
N ASP B 328 -0.04 -10.31 -36.79
CA ASP B 328 -1.50 -10.08 -36.98
C ASP B 328 -2.20 -10.31 -35.64
N LEU B 329 -1.88 -11.42 -34.98
CA LEU B 329 -2.53 -11.76 -33.69
C LEU B 329 -2.23 -10.65 -32.67
N ILE B 330 -0.99 -10.19 -32.59
CA ILE B 330 -0.61 -9.16 -31.60
C ILE B 330 -1.39 -7.88 -31.90
N LEU B 331 -1.52 -7.48 -33.17
CA LEU B 331 -2.28 -6.26 -33.48
C LEU B 331 -3.76 -6.44 -33.13
N ARG B 332 -4.31 -7.66 -33.16
CA ARG B 332 -5.73 -7.89 -32.74
C ARG B 332 -5.82 -7.75 -31.20
N MET B 333 -4.80 -8.23 -30.47
CA MET B 333 -4.76 -8.10 -28.99
C MET B 333 -4.58 -6.64 -28.59
N LEU B 334 -3.91 -5.82 -29.41
CA LEU B 334 -3.63 -4.39 -29.10
C LEU B 334 -4.57 -3.44 -29.82
N ASP B 335 -5.75 -3.92 -30.19
CA ASP B 335 -6.85 -3.05 -30.68
C ASP B 335 -7.14 -2.02 -29.59
N TYR B 336 -7.17 -0.74 -29.95
CA TYR B 336 -7.52 0.34 -28.99
C TYR B 336 -8.93 0.11 -28.43
N ASP B 337 -9.83 -0.44 -29.24
CA ASP B 337 -11.27 -0.51 -28.91
C ASP B 337 -11.53 -1.81 -28.17
N PRO B 338 -11.88 -1.78 -26.87
CA PRO B 338 -12.03 -3.04 -26.15
C PRO B 338 -13.25 -3.84 -26.62
N LYS B 339 -14.17 -3.21 -27.36
CA LYS B 339 -15.32 -3.92 -27.96
C LYS B 339 -14.87 -4.80 -29.13
N THR B 340 -13.84 -4.41 -29.87
CA THR B 340 -13.42 -5.17 -31.06
C THR B 340 -12.13 -5.94 -30.80
N ARG B 341 -11.42 -5.64 -29.71
CA ARG B 341 -10.17 -6.37 -29.36
C ARG B 341 -10.50 -7.86 -29.40
N ILE B 342 -9.57 -8.67 -29.93
CA ILE B 342 -9.76 -10.14 -30.03
C ILE B 342 -10.05 -10.77 -28.66
N GLN B 343 -11.04 -11.66 -28.64
CA GLN B 343 -11.48 -12.41 -27.44
C GLN B 343 -10.85 -13.80 -27.46
N PRO B 344 -10.62 -14.37 -26.26
CA PRO B 344 -9.87 -15.62 -26.14
C PRO B 344 -10.33 -16.73 -27.11
N TYR B 345 -11.64 -16.91 -27.28
CA TYR B 345 -12.12 -18.03 -28.14
C TYR B 345 -11.52 -17.87 -29.55
N TYR B 346 -11.51 -16.64 -30.06
CA TYR B 346 -11.16 -16.33 -31.48
C TYR B 346 -9.65 -16.26 -31.62
N ALA B 347 -8.99 -15.82 -30.55
CA ALA B 347 -7.51 -15.81 -30.52
C ALA B 347 -7.08 -17.26 -30.76
N LEU B 348 -7.72 -18.24 -30.09
CA LEU B 348 -7.25 -19.65 -30.15
C LEU B 348 -7.45 -20.20 -31.56
N GLN B 349 -8.32 -19.58 -32.35
CA GLN B 349 -8.59 -20.02 -33.76
C GLN B 349 -7.62 -19.34 -34.74
N HIS B 350 -6.78 -18.45 -34.26
CA HIS B 350 -5.91 -17.65 -35.14
C HIS B 350 -4.94 -18.57 -35.86
N SER B 351 -4.53 -18.19 -37.08
CA SER B 351 -3.62 -19.00 -37.93
C SER B 351 -2.27 -19.20 -37.22
N PHE B 352 -1.92 -18.31 -36.29
CA PHE B 352 -0.66 -18.43 -35.51
C PHE B 352 -0.65 -19.78 -34.80
N PHE B 353 -1.82 -20.30 -34.45
CA PHE B 353 -1.92 -21.56 -33.69
C PHE B 353 -2.27 -22.75 -34.59
N ALA B 354 -2.51 -22.56 -35.90
CA ALA B 354 -2.91 -23.65 -36.83
C ALA B 354 -1.76 -24.66 -36.96
C1 QY8 C . 14.91 10.64 11.16
N1 QY8 C . 15.88 10.19 11.99
O1 QY8 C . 12.12 9.12 9.47
C2 QY8 C . 13.75 12.27 10.08
N2 QY8 C . 14.82 11.94 10.86
C3 QY8 C . 12.80 11.38 9.54
N3 QY8 C . 13.40 13.51 9.67
C4 QY8 C . 11.85 12.12 8.79
N4 QY8 C . 14.00 9.70 10.68
C5 QY8 C . 12.28 13.41 8.87
C6 QY8 C . 12.90 10.01 9.87
S DMS D . -7.84 24.63 18.97
O DMS D . -7.52 24.32 20.42
C1 DMS D . -9.00 23.35 18.37
C2 DMS D . -8.90 26.08 19.02
C1 QY8 E . 6.06 -19.46 -6.31
N1 QY8 E . 7.18 -20.13 -6.60
O1 QY8 E . 5.30 -16.09 -5.42
C2 QY8 E . 3.80 -19.30 -6.06
N2 QY8 E . 4.88 -20.09 -6.34
C3 QY8 E . 3.85 -17.93 -5.74
N3 QY8 E . 2.50 -19.69 -6.04
C4 QY8 E . 2.52 -17.49 -5.52
N4 QY8 E . 6.20 -18.12 -6.00
C5 QY8 E . 1.73 -18.58 -5.71
C6 QY8 E . 5.12 -17.28 -5.70
S DMS F . 6.14 -2.33 -14.80
O DMS F . 4.83 -2.43 -15.43
C1 DMS F . 6.02 -1.14 -13.45
C2 DMS F . 6.40 -3.88 -13.95
#